data_5IAO
#
_entry.id   5IAO
#
_cell.length_a   142.836
_cell.length_b   127.770
_cell.length_c   90.777
_cell.angle_alpha   90.00
_cell.angle_beta   90.38
_cell.angle_gamma   90.00
#
_symmetry.space_group_name_H-M   'C 1 2 1'
#
loop_
_entity.id
_entity.type
_entity.pdbx_description
1 polymer 'Bifunctional protein PyrR'
2 non-polymer 5-FLUOROURACIL
3 water water
#
_entity_poly.entity_id   1
_entity_poly.type   'polypeptide(L)'
_entity_poly.pdbx_seq_one_letter_code
;MGAAGDAAIGRESRELMSAADVGRTISRIAHQIIEKTALDDPVGPDAPRVVLLGIPTRGVTLANRLAGNITEYSGIHVGH
GALDITLYRDDLMIKPPRPLASTSIPAGGIDDALVILVDDVLYSGRSVRSALDALRDVGRPRAVQLAVLVDRGHRELPLR
ADYVGKNVPTSRSESVHVRLREHDGRDGVVISRHHHHHH
;
_entity_poly.pdbx_strand_id   A,B,C,D,E,F
#
# COMPACT_ATOMS: atom_id res chain seq x y z
N GLU A 12 -8.11 -1.02 -51.56
CA GLU A 12 -9.44 -0.44 -51.71
C GLU A 12 -9.53 0.95 -51.10
N SER A 13 -9.95 1.91 -51.92
CA SER A 13 -10.08 3.30 -51.49
C SER A 13 -11.46 3.81 -51.84
N ARG A 14 -11.94 4.80 -51.08
CA ARG A 14 -13.27 5.34 -51.31
C ARG A 14 -13.42 6.75 -50.74
N GLU A 15 -14.22 7.56 -51.40
CA GLU A 15 -14.40 8.96 -51.00
C GLU A 15 -15.56 9.10 -50.02
N LEU A 16 -15.29 9.67 -48.85
CA LEU A 16 -16.33 9.91 -47.86
C LEU A 16 -16.90 11.31 -48.00
N MET A 17 -16.03 12.27 -48.29
CA MET A 17 -16.43 13.66 -48.45
C MET A 17 -15.75 14.30 -49.66
N SER A 18 -16.56 14.95 -50.49
CA SER A 18 -16.05 15.71 -51.62
C SER A 18 -15.51 17.05 -51.15
N ALA A 19 -14.84 17.77 -52.04
CA ALA A 19 -14.34 19.11 -51.72
C ALA A 19 -15.50 20.02 -51.32
N ALA A 20 -16.61 19.91 -52.05
CA ALA A 20 -17.80 20.69 -51.76
C ALA A 20 -18.36 20.33 -50.39
N ASP A 21 -18.33 19.03 -50.07
CA ASP A 21 -18.75 18.53 -48.75
C ASP A 21 -17.95 19.19 -47.65
N VAL A 22 -16.63 19.14 -47.79
CA VAL A 22 -15.72 19.68 -46.80
C VAL A 22 -16.01 21.17 -46.62
N GLY A 23 -16.27 21.83 -47.74
CA GLY A 23 -16.55 23.26 -47.70
C GLY A 23 -17.80 23.57 -46.90
N ARG A 24 -18.90 22.88 -47.21
CA ARG A 24 -20.14 23.08 -46.51
C ARG A 24 -19.96 22.76 -45.03
N THR A 25 -19.24 21.67 -44.75
CA THR A 25 -19.08 21.22 -43.37
C THR A 25 -18.22 22.20 -42.56
N ILE A 26 -17.11 22.65 -43.13
CA ILE A 26 -16.26 23.60 -42.42
C ILE A 26 -17.01 24.90 -42.15
N SER A 27 -17.82 25.32 -43.11
CA SER A 27 -18.64 26.50 -42.96
C SER A 27 -19.68 26.34 -41.84
N ARG A 28 -20.27 25.15 -41.74
CA ARG A 28 -21.26 24.89 -40.69
C ARG A 28 -20.62 24.94 -39.33
N ILE A 29 -19.42 24.36 -39.22
CA ILE A 29 -18.66 24.38 -37.96
C ILE A 29 -18.36 25.82 -37.53
N ALA A 30 -17.94 26.65 -38.49
CA ALA A 30 -17.65 28.06 -38.21
C ALA A 30 -18.86 28.73 -37.56
N HIS A 31 -20.04 28.44 -38.08
CA HIS A 31 -21.27 29.03 -37.54
C HIS A 31 -21.64 28.44 -36.19
N GLN A 32 -21.34 27.17 -35.97
CA GLN A 32 -21.59 26.57 -34.66
C GLN A 32 -20.70 27.28 -33.63
N ILE A 33 -19.44 27.49 -33.99
CA ILE A 33 -18.50 28.17 -33.12
C ILE A 33 -18.97 29.57 -32.77
N ILE A 34 -19.35 30.33 -33.79
CA ILE A 34 -19.87 31.67 -33.60
C ILE A 34 -21.11 31.68 -32.69
N GLU A 35 -22.03 30.76 -32.95
CA GLU A 35 -23.25 30.63 -32.16
C GLU A 35 -22.97 30.28 -30.70
N LYS A 36 -22.11 29.28 -30.51
CA LYS A 36 -21.88 28.71 -29.20
C LYS A 36 -20.99 29.59 -28.31
N THR A 37 -20.11 30.38 -28.92
CA THR A 37 -19.25 31.25 -28.14
C THR A 37 -19.74 32.69 -28.15
N ALA A 38 -20.66 32.99 -29.06
CA ALA A 38 -21.14 34.36 -29.24
C ALA A 38 -19.97 35.34 -29.36
N LEU A 39 -18.93 34.92 -30.07
CA LEU A 39 -17.70 35.70 -30.16
C LEU A 39 -17.85 37.08 -30.82
N ASP A 40 -18.91 37.28 -31.59
CA ASP A 40 -19.15 38.58 -32.22
C ASP A 40 -19.73 39.58 -31.22
N ASP A 41 -20.35 39.09 -30.14
CA ASP A 41 -20.85 39.96 -29.08
C ASP A 41 -19.70 40.51 -28.23
N PRO A 42 -19.95 41.58 -27.47
CA PRO A 42 -18.95 42.19 -26.60
C PRO A 42 -18.41 41.21 -25.56
N VAL A 43 -17.10 40.97 -25.57
CA VAL A 43 -16.48 40.09 -24.59
C VAL A 43 -16.88 40.51 -23.18
N GLY A 44 -17.53 39.61 -22.46
CA GLY A 44 -18.02 39.87 -21.12
C GLY A 44 -17.55 38.82 -20.14
N PRO A 45 -18.09 38.83 -18.91
CA PRO A 45 -17.69 37.88 -17.87
C PRO A 45 -17.89 36.44 -18.29
N ASP A 46 -19.07 36.10 -18.80
CA ASP A 46 -19.32 34.72 -19.21
C ASP A 46 -19.10 34.55 -20.71
N ALA A 47 -18.61 35.60 -21.36
CA ALA A 47 -18.27 35.48 -22.78
C ALA A 47 -16.84 35.93 -23.04
N PRO A 48 -15.90 34.97 -22.93
CA PRO A 48 -14.45 35.14 -23.08
C PRO A 48 -14.02 35.19 -24.54
N ARG A 49 -12.89 35.83 -24.79
CA ARG A 49 -12.31 35.84 -26.12
C ARG A 49 -11.98 34.42 -26.57
N VAL A 50 -12.14 34.15 -27.86
CA VAL A 50 -11.91 32.81 -28.40
C VAL A 50 -10.54 32.70 -29.05
N VAL A 51 -9.84 31.60 -28.78
CA VAL A 51 -8.55 31.31 -29.42
C VAL A 51 -8.56 29.90 -30.01
N LEU A 52 -8.32 29.80 -31.31
CA LEU A 52 -8.25 28.49 -31.97
C LEU A 52 -6.80 28.04 -32.07
N LEU A 53 -6.48 26.92 -31.44
CA LEU A 53 -5.14 26.35 -31.54
C LEU A 53 -5.22 24.99 -32.21
N GLY A 54 -4.54 24.87 -33.34
CA GLY A 54 -4.54 23.64 -34.10
C GLY A 54 -3.39 22.74 -33.67
N ILE A 55 -3.60 21.44 -33.77
CA ILE A 55 -2.53 20.47 -33.54
C ILE A 55 -1.78 20.26 -34.85
N PRO A 56 -0.45 20.46 -34.83
CA PRO A 56 0.34 20.29 -36.05
C PRO A 56 0.14 18.91 -36.65
N THR A 57 0.07 18.86 -37.97
CA THR A 57 0.18 20.07 -38.76
C THR A 57 -1.13 20.39 -39.52
N ARG A 58 -1.84 19.36 -39.96
CA ARG A 58 -3.09 19.59 -40.72
C ARG A 58 -4.20 20.18 -39.84
N GLY A 59 -4.11 19.95 -38.54
CA GLY A 59 -5.04 20.55 -37.60
C GLY A 59 -4.89 22.05 -37.61
N VAL A 60 -3.65 22.49 -37.82
CA VAL A 60 -3.32 23.91 -37.94
C VAL A 60 -3.96 24.51 -39.19
N THR A 61 -3.90 23.75 -40.28
CA THR A 61 -4.55 24.14 -41.53
C THR A 61 -6.04 24.32 -41.28
N LEU A 62 -6.64 23.38 -40.59
CA LEU A 62 -8.07 23.45 -40.31
C LEU A 62 -8.42 24.63 -39.39
N ALA A 63 -7.58 24.85 -38.37
CA ALA A 63 -7.81 25.97 -37.46
C ALA A 63 -7.75 27.29 -38.24
N ASN A 64 -6.79 27.41 -39.15
CA ASN A 64 -6.64 28.60 -39.96
C ASN A 64 -7.85 28.83 -40.88
N ARG A 65 -8.39 27.76 -41.45
CA ARG A 65 -9.58 27.91 -42.30
C ARG A 65 -10.78 28.39 -41.52
N LEU A 66 -10.94 27.82 -40.34
CA LEU A 66 -12.06 28.16 -39.48
C LEU A 66 -11.99 29.64 -39.13
N ALA A 67 -10.80 30.10 -38.78
CA ALA A 67 -10.60 31.52 -38.46
C ALA A 67 -11.01 32.40 -39.64
N GLY A 68 -10.64 31.99 -40.85
CA GLY A 68 -11.02 32.74 -42.03
C GLY A 68 -12.53 32.82 -42.18
N ASN A 69 -13.19 31.66 -42.12
CA ASN A 69 -14.64 31.61 -42.21
C ASN A 69 -15.31 32.46 -41.16
N ILE A 70 -14.86 32.32 -39.92
CA ILE A 70 -15.43 33.06 -38.81
C ILE A 70 -15.32 34.56 -39.04
N THR A 71 -14.19 34.99 -39.60
CA THR A 71 -14.00 36.40 -39.91
C THR A 71 -14.96 36.86 -41.00
N GLU A 72 -15.12 36.01 -42.02
CA GLU A 72 -16.02 36.30 -43.13
C GLU A 72 -17.47 36.39 -42.70
N TYR A 73 -17.87 35.58 -41.73
CA TYR A 73 -19.26 35.49 -41.30
C TYR A 73 -19.61 36.46 -40.17
N SER A 74 -18.61 36.85 -39.38
CA SER A 74 -18.86 37.65 -38.19
C SER A 74 -18.09 38.98 -38.21
N GLY A 75 -17.07 39.05 -39.05
CA GLY A 75 -16.23 40.23 -39.10
C GLY A 75 -15.23 40.28 -37.96
N ILE A 76 -15.35 39.34 -37.03
CA ILE A 76 -14.44 39.26 -35.90
C ILE A 76 -13.20 38.44 -36.26
N HIS A 77 -12.02 39.00 -36.03
CA HIS A 77 -10.79 38.25 -36.26
C HIS A 77 -10.41 37.54 -34.97
N VAL A 78 -10.60 36.23 -34.93
CA VAL A 78 -10.24 35.48 -33.73
C VAL A 78 -8.78 35.08 -33.80
N GLY A 79 -8.09 35.17 -32.67
CA GLY A 79 -6.71 34.72 -32.61
C GLY A 79 -6.63 33.22 -32.86
N HIS A 80 -5.60 32.81 -33.60
CA HIS A 80 -5.39 31.39 -33.86
C HIS A 80 -3.91 31.10 -34.04
N GLY A 81 -3.51 29.89 -33.72
CA GLY A 81 -2.11 29.50 -33.80
C GLY A 81 -1.99 27.99 -33.79
N ALA A 82 -0.87 27.49 -33.27
CA ALA A 82 -0.60 26.06 -33.24
C ALA A 82 -0.08 25.66 -31.86
N LEU A 83 -0.35 24.42 -31.48
CA LEU A 83 0.09 23.87 -30.20
C LEU A 83 0.85 22.56 -30.43
N ASP A 84 2.18 22.63 -30.37
CA ASP A 84 3.01 21.46 -30.64
C ASP A 84 2.91 20.49 -29.46
N ILE A 85 2.70 19.22 -29.76
CA ILE A 85 2.51 18.20 -28.73
C ILE A 85 3.58 17.12 -28.81
N THR A 86 4.69 17.43 -29.47
CA THR A 86 5.75 16.44 -29.68
C THR A 86 6.33 15.93 -28.37
N LEU A 87 6.55 16.85 -27.43
CA LEU A 87 7.19 16.52 -26.16
C LEU A 87 6.14 16.11 -25.13
N TYR A 88 4.96 15.74 -25.61
CA TYR A 88 3.84 15.50 -24.71
C TYR A 88 3.14 14.19 -25.04
N ARG A 89 3.86 13.29 -25.71
CA ARG A 89 3.29 12.01 -26.09
C ARG A 89 3.81 10.93 -25.15
N ASP A 90 3.39 9.69 -25.38
CA ASP A 90 3.78 8.57 -24.55
C ASP A 90 4.90 7.73 -25.17
N SER A 102 6.43 23.55 -33.83
CA SER A 102 6.69 24.71 -32.97
C SER A 102 5.38 25.38 -32.58
N THR A 103 5.21 25.59 -31.28
CA THR A 103 3.99 26.17 -30.76
C THR A 103 3.91 27.67 -31.10
N SER A 104 2.71 28.14 -31.42
CA SER A 104 2.50 29.53 -31.81
C SER A 104 1.22 30.10 -31.18
N ILE A 105 1.37 30.99 -30.21
CA ILE A 105 0.24 31.57 -29.50
C ILE A 105 -0.01 33.03 -29.87
N PRO A 106 -1.27 33.36 -30.20
CA PRO A 106 -1.63 34.74 -30.55
C PRO A 106 -1.35 35.71 -29.41
N ALA A 107 -1.13 36.99 -29.75
CA ALA A 107 -0.90 38.00 -28.74
C ALA A 107 -2.09 38.07 -27.79
N GLY A 108 -1.82 38.18 -26.49
CA GLY A 108 -2.87 38.14 -25.50
C GLY A 108 -2.93 36.82 -24.76
N GLY A 109 -2.22 35.83 -25.30
CA GLY A 109 -2.11 34.53 -24.65
C GLY A 109 -3.46 33.84 -24.59
N ILE A 110 -3.58 32.91 -23.65
CA ILE A 110 -4.79 32.11 -23.52
C ILE A 110 -5.36 32.17 -22.11
N ASP A 111 -4.74 32.96 -21.24
CA ASP A 111 -5.20 33.06 -19.86
C ASP A 111 -6.62 33.57 -19.81
N ASP A 112 -7.49 32.77 -19.19
CA ASP A 112 -8.90 33.11 -19.07
C ASP A 112 -9.57 33.24 -20.45
N ALA A 113 -8.97 32.62 -21.46
CA ALA A 113 -9.59 32.59 -22.77
C ALA A 113 -10.34 31.28 -22.97
N LEU A 114 -11.23 31.27 -23.95
CA LEU A 114 -11.82 30.02 -24.41
C LEU A 114 -10.94 29.50 -25.51
N VAL A 115 -10.24 28.41 -25.24
CA VAL A 115 -9.36 27.80 -26.23
C VAL A 115 -10.08 26.67 -26.96
N ILE A 116 -10.15 26.74 -28.27
CA ILE A 116 -10.69 25.64 -29.05
C ILE A 116 -9.56 24.90 -29.76
N LEU A 117 -9.26 23.70 -29.28
CA LEU A 117 -8.29 22.83 -29.94
C LEU A 117 -8.86 22.34 -31.26
N VAL A 118 -8.04 22.28 -32.29
CA VAL A 118 -8.51 21.85 -33.60
C VAL A 118 -7.61 20.76 -34.21
N ASP A 119 -8.24 19.67 -34.64
CA ASP A 119 -7.51 18.60 -35.31
C ASP A 119 -8.34 18.11 -36.49
N ASP A 120 -7.71 17.38 -37.42
CA ASP A 120 -8.44 16.91 -38.58
C ASP A 120 -9.27 15.67 -38.25
N VAL A 121 -8.69 14.73 -37.52
CA VAL A 121 -9.37 13.49 -37.16
C VAL A 121 -9.26 13.14 -35.67
N LEU A 122 -10.39 12.84 -35.05
CA LEU A 122 -10.38 12.33 -33.69
C LEU A 122 -10.48 10.81 -33.76
N TYR A 123 -9.51 10.14 -33.16
CA TYR A 123 -9.41 8.68 -33.22
C TYR A 123 -9.38 8.10 -31.80
N SER A 124 -8.18 7.76 -31.32
CA SER A 124 -8.02 7.24 -29.97
C SER A 124 -8.23 8.35 -28.93
N GLY A 125 -7.93 9.58 -29.32
CA GLY A 125 -8.07 10.72 -28.45
C GLY A 125 -6.76 11.08 -27.77
N ARG A 126 -5.72 10.30 -28.05
CA ARG A 126 -4.45 10.49 -27.37
C ARG A 126 -3.73 11.79 -27.77
N SER A 127 -3.85 12.18 -29.04
CA SER A 127 -3.24 13.43 -29.50
C SER A 127 -3.84 14.63 -28.79
N VAL A 128 -5.16 14.62 -28.66
CA VAL A 128 -5.88 15.68 -27.97
C VAL A 128 -5.48 15.77 -26.49
N ARG A 129 -5.31 14.61 -25.85
CA ARG A 129 -4.89 14.59 -24.45
C ARG A 129 -3.50 15.23 -24.33
N SER A 130 -2.62 14.93 -25.28
CA SER A 130 -1.30 15.55 -25.33
C SER A 130 -1.42 17.07 -25.45
N ALA A 131 -2.38 17.51 -26.26
CA ALA A 131 -2.63 18.94 -26.43
C ALA A 131 -3.06 19.55 -25.11
N LEU A 132 -3.90 18.83 -24.37
CA LEU A 132 -4.33 19.30 -23.05
C LEU A 132 -3.14 19.47 -22.11
N ASP A 133 -2.20 18.52 -22.14
CA ASP A 133 -1.01 18.61 -21.32
C ASP A 133 -0.14 19.77 -21.76
N ALA A 134 0.09 19.85 -23.07
CA ALA A 134 0.88 20.91 -23.66
C ALA A 134 0.27 22.28 -23.34
N LEU A 135 -1.05 22.31 -23.25
CA LEU A 135 -1.78 23.57 -23.07
C LEU A 135 -1.50 24.22 -21.71
N ARG A 136 -1.30 23.42 -20.68
CA ARG A 136 -1.10 24.01 -19.36
C ARG A 136 0.33 24.45 -19.12
N ASP A 137 1.23 24.14 -20.05
CA ASP A 137 2.56 24.73 -20.00
C ASP A 137 2.55 26.08 -20.71
N VAL A 138 1.38 26.46 -21.23
CA VAL A 138 1.25 27.72 -21.95
C VAL A 138 0.49 28.75 -21.12
N GLY A 139 -0.57 28.32 -20.45
CA GLY A 139 -1.39 29.22 -19.66
C GLY A 139 -2.62 28.58 -19.05
N ARG A 140 -3.50 29.42 -18.52
CA ARG A 140 -4.72 28.95 -17.85
C ARG A 140 -5.97 29.49 -18.51
N PRO A 141 -6.52 28.72 -19.46
CA PRO A 141 -7.77 29.05 -20.16
C PRO A 141 -8.96 28.99 -19.22
N ARG A 142 -10.03 29.70 -19.54
CA ARG A 142 -11.26 29.56 -18.78
C ARG A 142 -11.86 28.18 -19.05
N ALA A 143 -11.75 27.74 -20.30
CA ALA A 143 -12.25 26.43 -20.70
C ALA A 143 -11.60 26.00 -22.00
N VAL A 144 -11.67 24.71 -22.29
CA VAL A 144 -11.11 24.16 -23.52
C VAL A 144 -12.16 23.38 -24.29
N GLN A 145 -12.34 23.69 -25.57
CA GLN A 145 -13.23 22.92 -26.43
C GLN A 145 -12.42 22.19 -27.48
N LEU A 146 -13.08 21.33 -28.24
CA LEU A 146 -12.39 20.56 -29.27
C LEU A 146 -13.22 20.56 -30.55
N ALA A 147 -12.57 20.87 -31.66
CA ALA A 147 -13.22 20.81 -32.96
C ALA A 147 -12.42 19.91 -33.90
N VAL A 148 -13.09 18.98 -34.56
CA VAL A 148 -12.47 18.11 -35.54
C VAL A 148 -13.36 17.95 -36.77
N LEU A 149 -12.75 17.74 -37.93
CA LEU A 149 -13.52 17.55 -39.16
C LEU A 149 -14.19 16.18 -39.14
N VAL A 150 -13.45 15.18 -38.68
CA VAL A 150 -13.91 13.80 -38.69
C VAL A 150 -13.70 13.09 -37.35
N ASP A 151 -14.75 12.42 -36.87
CA ASP A 151 -14.61 11.50 -35.74
C ASP A 151 -14.76 10.07 -36.27
N ARG A 152 -13.69 9.31 -36.23
CA ARG A 152 -13.72 7.95 -36.76
C ARG A 152 -13.90 6.91 -35.66
N GLY A 153 -14.26 7.37 -34.47
CA GLY A 153 -14.59 6.46 -33.39
C GLY A 153 -13.38 5.80 -32.76
N HIS A 154 -13.63 4.77 -31.96
CA HIS A 154 -12.59 3.97 -31.31
C HIS A 154 -11.76 4.81 -30.34
N ARG A 155 -12.41 5.67 -29.57
CA ARG A 155 -11.69 6.47 -28.61
C ARG A 155 -11.11 5.56 -27.52
N GLU A 156 -9.97 5.93 -26.97
CA GLU A 156 -9.36 5.17 -25.89
C GLU A 156 -9.31 5.99 -24.61
N LEU A 157 -9.94 7.16 -24.66
CA LEU A 157 -10.05 8.06 -23.52
C LEU A 157 -11.44 8.69 -23.52
N PRO A 158 -11.92 9.14 -22.35
CA PRO A 158 -13.23 9.77 -22.26
C PRO A 158 -13.22 11.19 -22.82
N LEU A 159 -12.67 11.33 -24.03
CA LEU A 159 -12.63 12.60 -24.73
C LEU A 159 -13.59 12.65 -25.92
N ARG A 160 -14.34 13.74 -26.02
CA ARG A 160 -15.25 13.93 -27.14
C ARG A 160 -15.07 15.34 -27.71
N ALA A 161 -15.27 15.47 -29.02
CA ALA A 161 -15.23 16.77 -29.69
C ALA A 161 -16.52 17.55 -29.45
N ASP A 162 -16.40 18.87 -29.26
CA ASP A 162 -17.57 19.73 -29.12
C ASP A 162 -18.14 20.12 -30.48
N TYR A 163 -17.31 20.06 -31.49
CA TYR A 163 -17.74 20.30 -32.87
C TYR A 163 -17.21 19.16 -33.72
N VAL A 164 -18.10 18.50 -34.45
CA VAL A 164 -17.70 17.39 -35.30
C VAL A 164 -18.23 17.61 -36.71
N GLY A 165 -17.32 17.56 -37.67
CA GLY A 165 -17.69 17.73 -39.06
C GLY A 165 -18.52 16.55 -39.54
N LYS A 166 -17.97 15.35 -39.38
CA LYS A 166 -18.65 14.13 -39.81
C LYS A 166 -18.25 12.95 -38.94
N ASN A 167 -19.25 12.17 -38.52
CA ASN A 167 -18.98 10.93 -37.80
C ASN A 167 -18.79 9.80 -38.78
N VAL A 168 -17.58 9.25 -38.82
CA VAL A 168 -17.28 8.19 -39.77
C VAL A 168 -17.04 6.87 -39.07
N PRO A 169 -18.00 5.95 -39.17
CA PRO A 169 -17.88 4.58 -38.64
C PRO A 169 -16.78 3.84 -39.37
N THR A 170 -15.91 3.18 -38.62
CA THR A 170 -14.80 2.47 -39.23
C THR A 170 -14.49 1.17 -38.50
N SER A 171 -13.85 0.24 -39.22
CA SER A 171 -13.27 -0.93 -38.60
C SER A 171 -11.88 -0.57 -38.11
N ARG A 172 -11.34 -1.36 -37.19
CA ARG A 172 -10.00 -1.10 -36.68
C ARG A 172 -8.96 -1.14 -37.80
N SER A 173 -9.27 -1.85 -38.88
CA SER A 173 -8.34 -2.01 -39.99
C SER A 173 -8.41 -0.87 -41.00
N GLU A 174 -9.47 -0.07 -40.93
CA GLU A 174 -9.64 1.02 -41.90
C GLU A 174 -8.89 2.29 -41.49
N SER A 175 -8.63 3.14 -42.47
CA SER A 175 -7.97 4.41 -42.21
C SER A 175 -8.76 5.56 -42.79
N VAL A 176 -8.79 6.68 -42.08
CA VAL A 176 -9.46 7.87 -42.56
C VAL A 176 -8.41 8.93 -42.90
N HIS A 177 -8.50 9.46 -44.11
CA HIS A 177 -7.51 10.43 -44.58
C HIS A 177 -8.15 11.77 -44.94
N VAL A 178 -7.86 12.78 -44.13
CA VAL A 178 -8.33 14.12 -44.42
C VAL A 178 -7.34 14.88 -45.31
N ARG A 179 -7.88 15.53 -46.34
CA ARG A 179 -7.08 16.34 -47.24
C ARG A 179 -7.61 17.77 -47.26
N LEU A 180 -6.74 18.74 -46.99
CA LEU A 180 -7.09 20.15 -47.09
C LEU A 180 -6.16 20.83 -48.09
N ARG A 181 -6.75 21.71 -48.89
CA ARG A 181 -6.08 22.34 -50.03
C ARG A 181 -4.72 22.97 -49.72
N GLU A 182 -4.65 23.79 -48.66
CA GLU A 182 -3.42 24.50 -48.32
C GLU A 182 -2.33 23.54 -47.86
N HIS A 183 -2.73 22.31 -47.54
CA HIS A 183 -1.85 21.30 -46.95
C HIS A 183 -1.53 20.15 -47.90
N ASP A 184 -2.52 19.72 -48.67
CA ASP A 184 -2.39 18.51 -49.49
C ASP A 184 -2.69 18.69 -50.97
N GLY A 185 -3.19 19.87 -51.35
CA GLY A 185 -3.55 20.12 -52.73
C GLY A 185 -5.05 20.04 -53.06
N ARG A 186 -5.84 19.37 -52.22
CA ARG A 186 -7.28 19.33 -52.42
C ARG A 186 -8.03 19.28 -51.09
N ASP A 187 -9.30 19.67 -51.11
CA ASP A 187 -10.19 19.39 -49.98
C ASP A 187 -10.89 18.05 -50.25
N GLY A 188 -10.97 17.21 -49.23
CA GLY A 188 -11.67 15.95 -49.36
C GLY A 188 -11.35 15.03 -48.19
N VAL A 189 -12.17 14.00 -48.03
CA VAL A 189 -11.93 12.98 -47.02
C VAL A 189 -12.08 11.61 -47.66
N VAL A 190 -11.07 10.77 -47.48
CA VAL A 190 -11.05 9.44 -48.09
C VAL A 190 -10.91 8.36 -47.02
N ILE A 191 -11.50 7.19 -47.26
CA ILE A 191 -11.35 6.05 -46.37
C ILE A 191 -10.66 4.90 -47.12
N SER A 192 -9.76 4.18 -46.45
CA SER A 192 -9.07 3.09 -47.10
C SER A 192 -8.98 1.87 -46.22
N ARG A 193 -8.81 0.69 -46.81
CA ARG A 193 -8.62 -0.52 -46.04
C ARG A 193 -7.72 -1.51 -46.76
N GLU B 12 -34.27 26.22 -1.89
CA GLU B 12 -33.63 25.58 -0.74
C GLU B 12 -33.01 24.26 -1.19
N SER B 13 -33.74 23.18 -0.96
CA SER B 13 -33.30 21.86 -1.37
C SER B 13 -34.43 21.18 -2.14
N ARG B 14 -34.07 20.23 -2.98
CA ARG B 14 -35.05 19.51 -3.79
C ARG B 14 -34.50 18.17 -4.23
N GLU B 15 -35.40 17.20 -4.43
CA GLU B 15 -34.98 15.85 -4.77
C GLU B 15 -34.91 15.63 -6.29
N LEU B 16 -33.75 15.19 -6.79
CA LEU B 16 -33.63 14.86 -8.20
C LEU B 16 -33.89 13.39 -8.42
N MET B 17 -33.42 12.57 -7.48
CA MET B 17 -33.60 11.13 -7.60
C MET B 17 -33.98 10.53 -6.26
N SER B 18 -35.04 9.73 -6.24
CA SER B 18 -35.40 8.99 -5.03
C SER B 18 -34.48 7.79 -4.91
N ALA B 19 -34.52 7.12 -3.77
CA ALA B 19 -33.72 5.92 -3.57
C ALA B 19 -34.01 4.88 -4.64
N ALA B 20 -35.29 4.72 -4.97
CA ALA B 20 -35.70 3.79 -6.02
C ALA B 20 -35.11 4.22 -7.37
N ASP B 21 -35.10 5.53 -7.62
CA ASP B 21 -34.50 6.08 -8.82
C ASP B 21 -33.04 5.66 -8.93
N VAL B 22 -32.29 5.90 -7.86
CA VAL B 22 -30.87 5.59 -7.84
C VAL B 22 -30.63 4.11 -8.08
N GLY B 23 -31.48 3.27 -7.48
CA GLY B 23 -31.38 1.84 -7.67
C GLY B 23 -31.60 1.38 -9.11
N ARG B 24 -32.69 1.84 -9.71
CA ARG B 24 -32.99 1.49 -11.10
C ARG B 24 -31.88 1.97 -12.04
N THR B 25 -31.38 3.18 -11.78
CA THR B 25 -30.36 3.77 -12.64
C THR B 25 -29.00 3.08 -12.51
N ILE B 26 -28.58 2.80 -11.28
CA ILE B 26 -27.33 2.12 -11.07
C ILE B 26 -27.36 0.73 -11.70
N SER B 27 -28.51 0.08 -11.59
CA SER B 27 -28.68 -1.23 -12.21
C SER B 27 -28.59 -1.10 -13.73
N ARG B 28 -29.18 -0.05 -14.28
CA ARG B 28 -29.13 0.14 -15.72
C ARG B 28 -27.70 0.39 -16.20
N ILE B 29 -26.95 1.20 -15.45
CA ILE B 29 -25.55 1.47 -15.78
C ILE B 29 -24.75 0.18 -15.77
N ALA B 30 -24.96 -0.63 -14.73
CA ALA B 30 -24.26 -1.91 -14.60
C ALA B 30 -24.48 -2.76 -15.84
N HIS B 31 -25.71 -2.81 -16.32
CA HIS B 31 -26.04 -3.60 -17.51
C HIS B 31 -25.48 -2.98 -18.80
N GLN B 32 -25.38 -1.64 -18.85
CA GLN B 32 -24.75 -0.99 -19.99
C GLN B 32 -23.29 -1.38 -20.09
N ILE B 33 -22.60 -1.37 -18.95
CA ILE B 33 -21.19 -1.74 -18.89
C ILE B 33 -20.98 -3.17 -19.38
N ILE B 34 -21.80 -4.09 -18.87
CA ILE B 34 -21.75 -5.49 -19.27
C ILE B 34 -21.97 -5.62 -20.78
N GLU B 35 -22.96 -4.89 -21.30
CA GLU B 35 -23.26 -4.90 -22.73
C GLU B 35 -22.10 -4.35 -23.56
N LYS B 36 -21.58 -3.22 -23.13
CA LYS B 36 -20.61 -2.48 -23.92
C LYS B 36 -19.21 -3.13 -23.86
N THR B 37 -18.90 -3.84 -22.79
CA THR B 37 -17.60 -4.51 -22.66
C THR B 37 -17.65 -6.01 -22.97
N ALA B 38 -18.86 -6.57 -22.98
CA ALA B 38 -19.07 -8.00 -23.19
C ALA B 38 -18.19 -8.84 -22.24
N LEU B 39 -18.05 -8.37 -21.01
CA LEU B 39 -17.16 -9.04 -20.05
C LEU B 39 -17.57 -10.47 -19.68
N ASP B 40 -18.84 -10.81 -19.89
CA ASP B 40 -19.31 -12.17 -19.58
C ASP B 40 -18.89 -13.18 -20.65
N ASP B 41 -18.56 -12.71 -21.85
CA ASP B 41 -18.14 -13.65 -22.90
C ASP B 41 -16.79 -14.25 -22.58
N PRO B 42 -16.50 -15.43 -23.16
CA PRO B 42 -15.19 -16.03 -22.89
C PRO B 42 -14.13 -15.06 -23.37
N VAL B 43 -13.37 -14.52 -22.41
CA VAL B 43 -12.32 -13.57 -22.71
C VAL B 43 -11.33 -14.15 -23.71
N GLY B 44 -11.21 -13.47 -24.84
CA GLY B 44 -10.27 -13.89 -25.85
C GLY B 44 -9.10 -12.93 -25.81
N PRO B 45 -8.17 -13.08 -26.74
CA PRO B 45 -6.97 -12.24 -26.85
C PRO B 45 -7.30 -10.76 -27.02
N ASP B 46 -8.23 -10.46 -27.92
CA ASP B 46 -8.58 -9.09 -28.29
C ASP B 46 -9.74 -8.49 -27.49
N ALA B 47 -10.11 -9.11 -26.37
CA ALA B 47 -11.19 -8.61 -25.52
C ALA B 47 -10.69 -8.33 -24.12
N PRO B 48 -10.40 -7.04 -23.83
CA PRO B 48 -9.68 -6.70 -22.59
C PRO B 48 -10.51 -6.84 -21.32
N ARG B 49 -9.83 -7.19 -20.23
CA ARG B 49 -10.43 -7.30 -18.92
C ARG B 49 -10.85 -5.91 -18.43
N VAL B 50 -11.95 -5.86 -17.69
CA VAL B 50 -12.49 -4.61 -17.20
C VAL B 50 -12.02 -4.32 -15.78
N VAL B 51 -11.62 -3.08 -15.52
CA VAL B 51 -11.24 -2.65 -14.19
C VAL B 51 -11.97 -1.36 -13.80
N LEU B 52 -12.68 -1.38 -12.68
CA LEU B 52 -13.35 -0.18 -12.21
C LEU B 52 -12.51 0.55 -11.17
N LEU B 53 -12.13 1.78 -11.48
CA LEU B 53 -11.40 2.61 -10.53
C LEU B 53 -12.27 3.79 -10.13
N GLY B 54 -12.61 3.88 -8.86
CA GLY B 54 -13.47 4.94 -8.39
C GLY B 54 -12.65 6.11 -7.91
N ILE B 55 -13.19 7.31 -8.10
CA ILE B 55 -12.59 8.50 -7.55
C ILE B 55 -13.17 8.77 -6.17
N PRO B 56 -12.30 8.90 -5.14
CA PRO B 56 -12.74 9.11 -3.76
C PRO B 56 -13.65 10.34 -3.59
N THR B 57 -14.68 10.20 -2.77
CA THR B 57 -14.92 8.95 -2.06
C THR B 57 -16.19 8.24 -2.54
N ARG B 58 -17.22 9.00 -2.90
CA ARG B 58 -18.47 8.37 -3.33
C ARG B 58 -18.33 7.68 -4.67
N GLY B 59 -17.36 8.12 -5.47
CA GLY B 59 -17.07 7.43 -6.72
C GLY B 59 -16.56 6.03 -6.41
N VAL B 60 -15.78 5.90 -5.34
CA VAL B 60 -15.30 4.60 -4.90
C VAL B 60 -16.46 3.74 -4.41
N THR B 61 -17.37 4.34 -3.65
CA THR B 61 -18.57 3.65 -3.20
C THR B 61 -19.35 3.18 -4.43
N LEU B 62 -19.48 4.06 -5.41
CA LEU B 62 -20.21 3.77 -6.64
C LEU B 62 -19.53 2.66 -7.44
N ALA B 63 -18.20 2.73 -7.55
CA ALA B 63 -17.45 1.70 -8.26
C ALA B 63 -17.63 0.35 -7.58
N ASN B 64 -17.59 0.35 -6.24
CA ASN B 64 -17.75 -0.89 -5.48
C ASN B 64 -19.13 -1.51 -5.70
N ARG B 65 -20.17 -0.68 -5.68
CA ARG B 65 -21.53 -1.18 -5.85
C ARG B 65 -21.71 -1.73 -7.26
N LEU B 66 -21.17 -1.03 -8.25
CA LEU B 66 -21.27 -1.46 -9.63
C LEU B 66 -20.61 -2.82 -9.84
N ALA B 67 -19.43 -3.00 -9.26
CA ALA B 67 -18.72 -4.29 -9.36
C ALA B 67 -19.58 -5.41 -8.77
N GLY B 68 -20.18 -5.14 -7.62
CA GLY B 68 -21.08 -6.08 -6.98
C GLY B 68 -22.26 -6.42 -7.88
N ASN B 69 -22.91 -5.39 -8.41
CA ASN B 69 -24.02 -5.58 -9.35
C ASN B 69 -23.62 -6.44 -10.53
N ILE B 70 -22.48 -6.10 -11.13
CA ILE B 70 -21.99 -6.82 -12.30
C ILE B 70 -21.80 -8.31 -12.01
N THR B 71 -21.29 -8.62 -10.83
CA THR B 71 -21.11 -10.00 -10.44
C THR B 71 -22.46 -10.69 -10.30
N GLU B 72 -23.42 -9.99 -9.71
CA GLU B 72 -24.75 -10.56 -9.51
C GLU B 72 -25.47 -10.86 -10.82
N TYR B 73 -25.26 -10.02 -11.83
CA TYR B 73 -25.99 -10.14 -13.09
C TYR B 73 -25.24 -11.04 -14.07
N SER B 74 -23.92 -11.14 -13.94
CA SER B 74 -23.12 -11.85 -14.94
C SER B 74 -22.30 -13.00 -14.37
N GLY B 75 -22.09 -13.00 -13.05
CA GLY B 75 -21.26 -14.01 -12.43
C GLY B 75 -19.77 -13.72 -12.57
N ILE B 76 -19.44 -12.68 -13.34
CA ILE B 76 -18.05 -12.29 -13.53
C ILE B 76 -17.60 -11.35 -12.41
N HIS B 77 -16.47 -11.66 -11.78
CA HIS B 77 -15.89 -10.78 -10.77
C HIS B 77 -14.88 -9.83 -11.39
N VAL B 78 -15.26 -8.56 -11.56
CA VAL B 78 -14.33 -7.59 -12.13
C VAL B 78 -13.48 -6.96 -11.04
N GLY B 79 -12.20 -6.77 -11.32
CA GLY B 79 -11.32 -6.07 -10.41
C GLY B 79 -11.77 -4.65 -10.24
N HIS B 80 -11.69 -4.13 -9.02
CA HIS B 80 -12.10 -2.76 -8.77
C HIS B 80 -11.31 -2.16 -7.62
N GLY B 81 -11.14 -0.85 -7.65
CA GLY B 81 -10.36 -0.18 -6.63
C GLY B 81 -10.57 1.32 -6.59
N ALA B 82 -9.55 2.03 -6.11
CA ALA B 82 -9.64 3.45 -5.92
C ALA B 82 -8.41 4.13 -6.47
N LEU B 83 -8.58 5.37 -6.92
CA LEU B 83 -7.50 6.11 -7.53
C LEU B 83 -7.35 7.46 -6.83
N ASP B 84 -6.33 7.58 -5.99
CA ASP B 84 -6.13 8.83 -5.27
C ASP B 84 -5.61 9.92 -6.21
N ILE B 85 -6.27 11.06 -6.21
CA ILE B 85 -5.93 12.14 -7.13
C ILE B 85 -5.55 13.41 -6.41
N THR B 86 -5.25 13.28 -5.12
CA THR B 86 -4.94 14.43 -4.28
C THR B 86 -3.70 15.20 -4.76
N LEU B 87 -2.67 14.47 -5.16
CA LEU B 87 -1.42 15.08 -5.61
C LEU B 87 -1.48 15.38 -7.10
N TYR B 88 -2.69 15.47 -7.63
CA TYR B 88 -2.92 15.64 -9.07
C TYR B 88 -3.93 16.74 -9.38
N ARG B 89 -4.18 17.61 -8.40
CA ARG B 89 -5.11 18.70 -8.56
C ARG B 89 -4.39 20.03 -8.71
N ASP B 90 -4.65 20.92 -7.75
CA ASP B 90 -4.05 22.25 -7.64
C ASP B 90 -2.62 22.34 -8.17
N SER B 102 -4.07 7.08 -0.50
CA SER B 102 -3.31 5.96 -1.05
C SER B 102 -4.13 5.25 -2.13
N THR B 103 -3.51 5.06 -3.29
CA THR B 103 -4.15 4.40 -4.42
C THR B 103 -4.26 2.90 -4.19
N SER B 104 -5.34 2.31 -4.72
CA SER B 104 -5.61 0.90 -4.56
C SER B 104 -5.96 0.25 -5.91
N ILE B 105 -5.03 -0.51 -6.45
CA ILE B 105 -5.20 -1.15 -7.75
C ILE B 105 -5.37 -2.66 -7.58
N PRO B 106 -6.43 -3.22 -8.17
CA PRO B 106 -6.74 -4.66 -8.08
C PRO B 106 -5.62 -5.52 -8.65
N ALA B 107 -5.55 -6.77 -8.21
CA ALA B 107 -4.52 -7.69 -8.66
C ALA B 107 -4.58 -7.87 -10.17
N GLY B 108 -3.41 -7.86 -10.80
CA GLY B 108 -3.30 -7.95 -12.24
C GLY B 108 -3.03 -6.60 -12.87
N GLY B 109 -3.19 -5.54 -12.08
CA GLY B 109 -2.92 -4.19 -12.54
C GLY B 109 -3.86 -3.71 -13.64
N ILE B 110 -3.42 -2.71 -14.40
CA ILE B 110 -4.27 -2.12 -15.41
C ILE B 110 -3.65 -2.09 -16.82
N ASP B 111 -2.46 -2.67 -16.96
CA ASP B 111 -1.79 -2.72 -18.26
C ASP B 111 -2.63 -3.51 -19.26
N ASP B 112 -2.94 -2.86 -20.39
CA ASP B 112 -3.74 -3.49 -21.44
C ASP B 112 -5.14 -3.85 -20.96
N ALA B 113 -5.59 -3.20 -19.89
CA ALA B 113 -6.95 -3.41 -19.41
C ALA B 113 -7.87 -2.31 -19.94
N LEU B 114 -9.17 -2.56 -19.90
CA LEU B 114 -10.13 -1.50 -20.14
C LEU B 114 -10.50 -0.96 -18.77
N VAL B 115 -10.03 0.25 -18.45
CA VAL B 115 -10.30 0.87 -17.17
C VAL B 115 -11.51 1.79 -17.24
N ILE B 116 -12.46 1.58 -16.35
CA ILE B 116 -13.60 2.48 -16.24
C ILE B 116 -13.49 3.34 -14.99
N LEU B 117 -13.16 4.62 -15.17
CA LEU B 117 -13.15 5.56 -14.07
C LEU B 117 -14.60 5.83 -13.64
N VAL B 118 -14.82 5.88 -12.34
CA VAL B 118 -16.17 6.08 -11.82
C VAL B 118 -16.21 7.21 -10.80
N ASP B 119 -17.13 8.14 -11.01
CA ASP B 119 -17.35 9.24 -10.07
C ASP B 119 -18.84 9.46 -9.90
N ASP B 120 -19.24 10.16 -8.83
CA ASP B 120 -20.66 10.41 -8.59
C ASP B 120 -21.19 11.58 -9.43
N VAL B 121 -20.41 12.65 -9.53
CA VAL B 121 -20.86 13.82 -10.27
C VAL B 121 -19.81 14.29 -11.27
N LEU B 122 -20.22 14.50 -12.51
CA LEU B 122 -19.37 15.12 -13.52
C LEU B 122 -19.75 16.59 -13.64
N TYR B 123 -18.78 17.47 -13.44
CA TYR B 123 -19.02 18.90 -13.43
C TYR B 123 -18.14 19.60 -14.47
N SER B 124 -17.06 20.22 -14.01
CA SER B 124 -16.09 20.86 -14.90
C SER B 124 -15.26 19.81 -15.64
N GLY B 125 -15.07 18.65 -14.99
CA GLY B 125 -14.29 17.58 -15.56
C GLY B 125 -12.84 17.54 -15.08
N ARG B 126 -12.47 18.48 -14.22
CA ARG B 126 -11.07 18.58 -13.80
C ARG B 126 -10.67 17.43 -12.89
N SER B 127 -11.61 16.94 -12.09
CA SER B 127 -11.33 15.77 -11.24
C SER B 127 -11.03 14.56 -12.11
N VAL B 128 -11.81 14.39 -13.17
CA VAL B 128 -11.58 13.27 -14.06
C VAL B 128 -10.22 13.40 -14.76
N ARG B 129 -9.86 14.60 -15.18
CA ARG B 129 -8.58 14.80 -15.85
C ARG B 129 -7.43 14.47 -14.89
N SER B 130 -7.58 14.86 -13.63
CA SER B 130 -6.63 14.48 -12.59
C SER B 130 -6.53 12.96 -12.50
N ALA B 131 -7.67 12.28 -12.63
CA ALA B 131 -7.70 10.83 -12.61
C ALA B 131 -6.90 10.26 -13.77
N LEU B 132 -7.03 10.87 -14.94
CA LEU B 132 -6.27 10.44 -16.10
C LEU B 132 -4.77 10.58 -15.84
N ASP B 133 -4.38 11.68 -15.19
CA ASP B 133 -2.98 11.91 -14.82
C ASP B 133 -2.50 10.88 -13.80
N ALA B 134 -3.29 10.68 -12.75
CA ALA B 134 -2.98 9.71 -11.71
C ALA B 134 -2.85 8.30 -12.29
N LEU B 135 -3.68 8.02 -13.29
CA LEU B 135 -3.76 6.71 -13.91
C LEU B 135 -2.48 6.42 -14.67
N ARG B 136 -1.87 7.46 -15.18
CA ARG B 136 -0.70 7.30 -16.03
C ARG B 136 0.56 7.00 -15.21
N ASP B 137 0.51 7.23 -13.91
CA ASP B 137 1.58 6.83 -13.01
C ASP B 137 1.37 5.41 -12.49
N VAL B 138 0.30 4.76 -12.93
CA VAL B 138 -0.03 3.42 -12.46
C VAL B 138 0.26 2.36 -13.52
N GLY B 139 -0.03 2.68 -14.77
CA GLY B 139 0.17 1.75 -15.85
C GLY B 139 -0.37 2.30 -17.16
N ARG B 140 -0.43 1.43 -18.16
CA ARG B 140 -0.88 1.82 -19.49
C ARG B 140 -2.06 0.96 -19.91
N PRO B 141 -3.29 1.43 -19.63
CA PRO B 141 -4.48 0.70 -20.05
C PRO B 141 -4.67 0.70 -21.56
N ARG B 142 -5.42 -0.27 -22.06
CA ARG B 142 -5.77 -0.32 -23.48
C ARG B 142 -6.73 0.83 -23.80
N ALA B 143 -7.62 1.10 -22.87
CA ALA B 143 -8.58 2.20 -23.01
C ALA B 143 -9.12 2.63 -21.65
N VAL B 144 -9.63 3.87 -21.59
CA VAL B 144 -10.23 4.41 -20.38
C VAL B 144 -11.62 4.93 -20.66
N GLN B 145 -12.60 4.45 -19.90
CA GLN B 145 -13.97 4.95 -19.99
C GLN B 145 -14.31 5.66 -18.70
N LEU B 146 -15.47 6.31 -18.69
CA LEU B 146 -15.91 7.05 -17.52
C LEU B 146 -17.39 6.80 -17.26
N ALA B 147 -17.73 6.46 -16.03
CA ALA B 147 -19.12 6.31 -15.62
C ALA B 147 -19.41 7.22 -14.43
N VAL B 148 -20.50 7.97 -14.50
CA VAL B 148 -20.90 8.84 -13.39
C VAL B 148 -22.39 8.71 -13.15
N LEU B 149 -22.81 8.93 -11.91
CA LEU B 149 -24.23 8.88 -11.60
C LEU B 149 -24.94 10.11 -12.17
N VAL B 150 -24.31 11.26 -12.03
CA VAL B 150 -24.90 12.52 -12.46
C VAL B 150 -23.95 13.36 -13.29
N ASP B 151 -24.45 13.86 -14.41
CA ASP B 151 -23.76 14.90 -15.18
C ASP B 151 -24.52 16.20 -15.00
N ARG B 152 -23.90 17.13 -14.29
CA ARG B 152 -24.54 18.41 -13.99
C ARG B 152 -24.08 19.52 -14.94
N GLY B 153 -23.38 19.14 -16.01
CA GLY B 153 -22.98 20.08 -17.05
C GLY B 153 -21.85 21.02 -16.67
N HIS B 154 -21.66 22.05 -17.51
CA HIS B 154 -20.64 23.08 -17.30
C HIS B 154 -19.21 22.54 -17.40
N ARG B 155 -18.96 21.66 -18.37
CA ARG B 155 -17.61 21.13 -18.52
C ARG B 155 -16.66 22.24 -18.94
N GLU B 156 -15.41 22.14 -18.50
CA GLU B 156 -14.37 23.11 -18.85
C GLU B 156 -13.29 22.41 -19.65
N LEU B 157 -13.53 21.14 -19.97
CA LEU B 157 -12.62 20.34 -20.79
C LEU B 157 -13.44 19.44 -21.70
N PRO B 158 -12.86 19.01 -22.83
CA PRO B 158 -13.58 18.13 -23.76
C PRO B 158 -13.69 16.70 -23.25
N LEU B 159 -14.12 16.54 -22.00
CA LEU B 159 -14.31 15.23 -21.41
C LEU B 159 -15.79 14.90 -21.27
N ARG B 160 -16.18 13.71 -21.69
CA ARG B 160 -17.56 13.28 -21.55
C ARG B 160 -17.61 11.87 -20.97
N ALA B 161 -18.66 11.58 -20.21
CA ALA B 161 -18.87 10.25 -19.64
C ALA B 161 -19.38 9.26 -20.66
N ASP B 162 -18.92 8.03 -20.58
CA ASP B 162 -19.44 6.96 -21.44
C ASP B 162 -20.71 6.35 -20.87
N TYR B 163 -20.88 6.47 -19.55
CA TYR B 163 -22.10 6.03 -18.88
C TYR B 163 -22.58 7.15 -18.00
N VAL B 164 -23.85 7.54 -18.16
CA VAL B 164 -24.41 8.62 -17.37
C VAL B 164 -25.72 8.18 -16.72
N GLY B 165 -25.79 8.35 -15.40
CA GLY B 165 -27.01 8.03 -14.69
C GLY B 165 -28.12 8.98 -15.08
N LYS B 166 -27.88 10.28 -14.90
CA LYS B 166 -28.90 11.27 -15.21
C LYS B 166 -28.25 12.59 -15.62
N ASN B 167 -28.72 13.18 -16.70
CA ASN B 167 -28.27 14.51 -17.08
C ASN B 167 -29.12 15.54 -16.36
N VAL B 168 -28.49 16.28 -15.45
CA VAL B 168 -29.19 17.28 -14.65
C VAL B 168 -28.70 18.69 -14.96
N PRO B 169 -29.51 19.47 -15.68
CA PRO B 169 -29.13 20.87 -15.91
C PRO B 169 -29.07 21.66 -14.61
N THR B 170 -28.01 22.43 -14.42
CA THR B 170 -27.87 23.18 -13.18
C THR B 170 -27.28 24.56 -13.43
N SER B 171 -27.55 25.47 -12.51
CA SER B 171 -26.89 26.76 -12.52
C SER B 171 -25.58 26.64 -11.76
N ARG B 172 -24.68 27.58 -12.00
CA ARG B 172 -23.40 27.60 -11.31
C ARG B 172 -23.58 27.73 -9.80
N SER B 173 -24.70 28.30 -9.38
CA SER B 173 -24.94 28.55 -7.96
C SER B 173 -25.51 27.35 -7.21
N GLU B 174 -25.97 26.35 -7.95
CA GLU B 174 -26.57 25.18 -7.33
C GLU B 174 -25.51 24.15 -6.94
N SER B 175 -25.86 23.28 -6.00
CA SER B 175 -24.98 22.20 -5.60
C SER B 175 -25.72 20.89 -5.72
N VAL B 176 -25.02 19.86 -6.15
CA VAL B 176 -25.62 18.55 -6.30
C VAL B 176 -25.09 17.62 -5.23
N HIS B 177 -26.00 16.97 -4.52
CA HIS B 177 -25.61 16.09 -3.43
C HIS B 177 -26.06 14.66 -3.69
N VAL B 178 -25.11 13.80 -3.99
CA VAL B 178 -25.37 12.38 -4.13
C VAL B 178 -25.22 11.66 -2.80
N ARG B 179 -26.19 10.83 -2.46
CA ARG B 179 -26.13 10.00 -1.26
C ARG B 179 -26.23 8.53 -1.62
N LEU B 180 -25.26 7.74 -1.17
CA LEU B 180 -25.28 6.31 -1.37
C LEU B 180 -25.30 5.57 -0.05
N ARG B 181 -26.08 4.50 0.00
CA ARG B 181 -26.34 3.73 1.21
C ARG B 181 -25.08 3.29 1.95
N GLU B 182 -24.13 2.69 1.23
CA GLU B 182 -22.91 2.16 1.86
C GLU B 182 -22.04 3.25 2.46
N HIS B 183 -22.28 4.48 2.05
CA HIS B 183 -21.48 5.64 2.42
C HIS B 183 -22.25 6.60 3.35
N ASP B 184 -23.55 6.78 3.08
CA ASP B 184 -24.34 7.80 3.76
C ASP B 184 -25.56 7.24 4.50
N GLY B 185 -25.85 5.95 4.33
CA GLY B 185 -26.96 5.36 5.04
C GLY B 185 -28.23 5.30 4.22
N ARG B 186 -28.30 6.11 3.17
CA ARG B 186 -29.46 6.17 2.28
C ARG B 186 -29.04 6.41 0.84
N ASP B 187 -29.90 6.02 -0.09
CA ASP B 187 -29.76 6.38 -1.51
C ASP B 187 -30.55 7.62 -1.87
N GLY B 188 -29.96 8.51 -2.65
CA GLY B 188 -30.69 9.67 -3.13
C GLY B 188 -29.80 10.74 -3.72
N VAL B 189 -30.41 11.62 -4.50
CA VAL B 189 -29.71 12.76 -5.06
C VAL B 189 -30.52 14.02 -4.86
N VAL B 190 -29.92 15.02 -4.23
CA VAL B 190 -30.62 16.28 -3.98
C VAL B 190 -29.84 17.44 -4.57
N ILE B 191 -30.58 18.46 -4.99
CA ILE B 191 -29.99 19.70 -5.48
C ILE B 191 -30.39 20.82 -4.54
N SER B 192 -29.46 21.73 -4.29
CA SER B 192 -29.71 22.83 -3.36
C SER B 192 -29.22 24.13 -3.96
N ARG B 193 -29.74 25.24 -3.41
CA ARG B 193 -29.38 26.55 -3.91
C ARG B 193 -29.23 27.55 -2.78
N GLU C 12 -23.84 34.91 28.53
CA GLU C 12 -24.39 34.43 29.80
C GLU C 12 -23.43 33.47 30.52
N SER C 13 -23.24 33.71 31.82
CA SER C 13 -22.31 32.93 32.63
C SER C 13 -22.97 32.38 33.90
N ARG C 14 -22.34 31.37 34.48
CA ARG C 14 -22.85 30.73 35.68
C ARG C 14 -21.70 30.12 36.48
N GLU C 15 -21.86 30.01 37.79
CA GLU C 15 -20.79 29.50 38.64
C GLU C 15 -20.91 27.99 38.74
N LEU C 16 -19.84 27.27 38.37
CA LEU C 16 -19.81 25.82 38.49
C LEU C 16 -19.15 25.39 39.78
N MET C 17 -18.10 26.10 40.16
CA MET C 17 -17.39 25.80 41.40
C MET C 17 -17.09 27.10 42.13
N SER C 18 -17.42 27.11 43.41
CA SER C 18 -17.06 28.23 44.28
C SER C 18 -15.61 28.12 44.71
N ALA C 19 -15.11 29.18 45.34
CA ALA C 19 -13.74 29.20 45.85
C ALA C 19 -13.52 28.06 46.83
N ALA C 20 -14.52 27.83 47.69
CA ALA C 20 -14.46 26.73 48.64
C ALA C 20 -14.44 25.40 47.90
N ASP C 21 -15.24 25.30 46.84
CA ASP C 21 -15.27 24.11 46.00
C ASP C 21 -13.91 23.77 45.46
N VAL C 22 -13.27 24.75 44.82
CA VAL C 22 -11.95 24.54 44.22
C VAL C 22 -10.95 24.12 45.28
N GLY C 23 -11.03 24.73 46.46
CA GLY C 23 -10.12 24.41 47.54
C GLY C 23 -10.21 22.96 47.95
N ARG C 24 -11.44 22.50 48.20
CA ARG C 24 -11.70 21.11 48.58
C ARG C 24 -11.23 20.13 47.50
N THR C 25 -11.48 20.49 46.24
CA THR C 25 -11.14 19.62 45.11
C THR C 25 -9.64 19.51 44.90
N ILE C 26 -8.95 20.65 44.96
CA ILE C 26 -7.50 20.67 44.81
C ILE C 26 -6.84 19.85 45.90
N SER C 27 -7.38 19.97 47.10
CA SER C 27 -6.90 19.21 48.25
C SER C 27 -7.11 17.71 48.04
N ARG C 28 -8.28 17.33 47.51
CA ARG C 28 -8.58 15.93 47.24
C ARG C 28 -7.66 15.39 46.16
N ILE C 29 -7.41 16.21 45.13
CA ILE C 29 -6.49 15.83 44.07
C ILE C 29 -5.09 15.57 44.64
N ALA C 30 -4.63 16.49 45.49
CA ALA C 30 -3.32 16.35 46.11
C ALA C 30 -3.17 15.02 46.84
N HIS C 31 -4.22 14.62 47.56
CA HIS C 31 -4.19 13.36 48.31
C HIS C 31 -4.25 12.13 47.40
N GLN C 32 -4.92 12.25 46.26
CA GLN C 32 -4.94 11.19 45.27
C GLN C 32 -3.53 10.98 44.72
N ILE C 33 -2.85 12.08 44.46
CA ILE C 33 -1.47 12.04 43.99
C ILE C 33 -0.55 11.37 45.01
N ILE C 34 -0.64 11.79 46.26
CA ILE C 34 0.12 11.17 47.34
C ILE C 34 -0.19 9.68 47.43
N GLU C 35 -1.47 9.35 47.37
CA GLU C 35 -1.91 7.97 47.44
C GLU C 35 -1.36 7.16 46.28
N LYS C 36 -1.47 7.71 45.07
CA LYS C 36 -1.16 6.95 43.87
C LYS C 36 0.35 6.84 43.60
N THR C 37 1.13 7.81 44.08
CA THR C 37 2.58 7.77 43.84
C THR C 37 3.35 7.29 45.07
N ALA C 38 2.68 7.28 46.22
CA ALA C 38 3.31 6.91 47.48
C ALA C 38 4.61 7.68 47.69
N LEU C 39 4.60 8.96 47.30
CA LEU C 39 5.79 9.81 47.39
C LEU C 39 6.21 9.92 48.85
N ASP C 40 5.30 9.47 49.71
CA ASP C 40 5.46 9.45 51.14
C ASP C 40 6.50 8.41 51.58
N ASP C 41 6.61 7.33 50.80
CA ASP C 41 7.52 6.23 51.07
C ASP C 41 8.97 6.56 50.73
N PRO C 42 9.91 5.79 51.31
CA PRO C 42 11.37 5.93 51.13
C PRO C 42 11.88 5.75 49.70
N VAL C 43 11.05 6.08 48.70
CA VAL C 43 11.40 5.99 47.28
C VAL C 43 12.24 4.77 46.92
N GLY C 44 11.57 3.63 46.76
CA GLY C 44 12.26 2.40 46.41
C GLY C 44 12.58 2.38 44.93
N PRO C 45 13.11 1.25 44.44
CA PRO C 45 13.48 1.12 43.03
C PRO C 45 12.28 1.36 42.12
N ASP C 46 11.16 0.73 42.45
CA ASP C 46 9.95 0.78 41.64
C ASP C 46 9.02 1.91 42.09
N ALA C 47 9.51 2.77 42.98
CA ALA C 47 8.74 3.94 43.42
C ALA C 47 9.57 5.21 43.21
N PRO C 48 9.42 5.82 42.03
CA PRO C 48 10.19 6.97 41.53
C PRO C 48 9.76 8.31 42.11
N ARG C 49 10.69 9.26 42.09
CA ARG C 49 10.44 10.64 42.50
C ARG C 49 9.41 11.30 41.59
N VAL C 50 8.59 12.17 42.17
CA VAL C 50 7.53 12.83 41.46
C VAL C 50 7.90 14.26 41.04
N VAL C 51 7.56 14.62 39.81
CA VAL C 51 7.77 15.98 39.34
C VAL C 51 6.48 16.52 38.70
N LEU C 52 5.97 17.64 39.21
CA LEU C 52 4.80 18.27 38.61
C LEU C 52 5.19 19.37 37.64
N LEU C 53 4.80 19.20 36.37
CA LEU C 53 5.06 20.23 35.37
C LEU C 53 3.75 20.79 34.84
N GLY C 54 3.57 22.08 35.00
CA GLY C 54 2.36 22.74 34.57
C GLY C 54 2.50 23.27 33.15
N ILE C 55 1.37 23.31 32.45
CA ILE C 55 1.29 23.94 31.15
C ILE C 55 0.97 25.42 31.36
N PRO C 56 1.85 26.29 30.83
CA PRO C 56 1.70 27.74 31.02
C PRO C 56 0.34 28.24 30.53
N THR C 57 -0.27 29.15 31.29
CA THR C 57 0.33 29.63 32.54
C THR C 57 -0.48 29.20 33.76
N ARG C 58 -1.80 29.13 33.61
CA ARG C 58 -2.65 28.79 34.74
C ARG C 58 -2.43 27.35 35.17
N GLY C 59 -1.98 26.51 34.25
CA GLY C 59 -1.64 25.13 34.56
C GLY C 59 -0.45 25.08 35.51
N VAL C 60 0.46 26.04 35.32
CA VAL C 60 1.62 26.18 36.19
C VAL C 60 1.17 26.60 37.60
N THR C 61 0.20 27.52 37.65
CA THR C 61 -0.40 27.95 38.90
C THR C 61 -1.01 26.76 39.65
N LEU C 62 -1.71 25.90 38.91
CA LEU C 62 -2.33 24.74 39.54
C LEU C 62 -1.26 23.76 40.03
N ALA C 63 -0.24 23.52 39.22
CA ALA C 63 0.83 22.61 39.61
C ALA C 63 1.53 23.12 40.86
N ASN C 64 1.77 24.43 40.90
CA ASN C 64 2.42 25.02 42.06
C ASN C 64 1.59 24.86 43.32
N ARG C 65 0.28 25.06 43.21
CA ARG C 65 -0.55 24.93 44.40
C ARG C 65 -0.62 23.47 44.86
N LEU C 66 -0.70 22.55 43.91
CA LEU C 66 -0.73 21.12 44.25
C LEU C 66 0.55 20.77 45.00
N ALA C 67 1.67 21.29 44.52
CA ALA C 67 2.97 21.06 45.17
C ALA C 67 2.92 21.58 46.61
N GLY C 68 2.33 22.76 46.79
CA GLY C 68 2.17 23.33 48.11
C GLY C 68 1.37 22.44 49.04
N ASN C 69 0.20 22.01 48.57
CA ASN C 69 -0.66 21.12 49.35
C ASN C 69 0.05 19.83 49.76
N ILE C 70 0.70 19.19 48.79
CA ILE C 70 1.39 17.93 49.04
C ILE C 70 2.46 18.09 50.13
N THR C 71 3.19 19.19 50.09
CA THR C 71 4.23 19.48 51.07
C THR C 71 3.62 19.67 52.46
N GLU C 72 2.49 20.35 52.52
CA GLU C 72 1.78 20.57 53.77
C GLU C 72 1.29 19.27 54.38
N TYR C 73 0.88 18.33 53.55
CA TYR C 73 0.27 17.09 54.03
C TYR C 73 1.25 15.98 54.31
N SER C 74 2.39 15.99 53.62
CA SER C 74 3.31 14.86 53.66
C SER C 74 4.70 15.22 54.17
N GLY C 75 5.01 16.51 54.13
CA GLY C 75 6.33 17.00 54.51
C GLY C 75 7.35 16.84 53.40
N ILE C 76 6.96 16.14 52.34
CA ILE C 76 7.83 15.96 51.17
C ILE C 76 7.70 17.12 50.20
N HIS C 77 8.82 17.69 49.80
CA HIS C 77 8.84 18.75 48.81
C HIS C 77 9.01 18.14 47.42
N VAL C 78 7.94 18.14 46.63
CA VAL C 78 8.03 17.59 45.28
C VAL C 78 8.51 18.66 44.33
N GLY C 79 9.38 18.26 43.42
CA GLY C 79 9.84 19.16 42.38
C GLY C 79 8.66 19.55 41.51
N HIS C 80 8.65 20.81 41.09
CA HIS C 80 7.62 21.30 40.20
C HIS C 80 8.17 22.40 39.31
N GLY C 81 7.60 22.56 38.14
CA GLY C 81 8.04 23.56 37.18
C GLY C 81 7.03 23.81 36.08
N ALA C 82 7.53 24.23 34.92
CA ALA C 82 6.67 24.54 33.79
C ALA C 82 7.23 23.92 32.51
N LEU C 83 6.33 23.56 31.60
CA LEU C 83 6.73 22.95 30.33
C LEU C 83 6.10 23.69 29.17
N ASP C 84 6.88 24.53 28.49
CA ASP C 84 6.35 25.31 27.38
C ASP C 84 6.08 24.47 26.15
N ILE C 85 4.91 24.65 25.56
CA ILE C 85 4.51 23.86 24.41
C ILE C 85 4.28 24.73 23.17
N THR C 86 4.83 25.95 23.19
CA THR C 86 4.63 26.91 22.10
C THR C 86 5.13 26.37 20.77
N LEU C 87 6.31 25.75 20.78
CA LEU C 87 6.91 25.22 19.57
C LEU C 87 6.48 23.79 19.29
N TYR C 88 5.37 23.37 19.88
CA TYR C 88 4.98 21.96 19.77
C TYR C 88 3.50 21.82 19.37
N ARG C 89 2.94 22.88 18.79
CA ARG C 89 1.57 22.85 18.34
C ARG C 89 1.46 22.72 16.82
N ASP C 90 0.78 21.66 16.37
CA ASP C 90 0.53 21.37 14.95
C ASP C 90 0.40 22.62 14.07
N SER C 102 8.60 30.05 29.00
CA SER C 102 9.89 29.43 29.24
C SER C 102 9.72 28.17 30.08
N THR C 103 10.35 27.09 29.62
CA THR C 103 10.31 25.83 30.33
C THR C 103 11.15 25.93 31.60
N SER C 104 10.67 25.32 32.68
CA SER C 104 11.38 25.35 33.95
C SER C 104 11.33 23.97 34.61
N ILE C 105 12.47 23.28 34.63
CA ILE C 105 12.57 21.93 35.18
C ILE C 105 13.32 21.89 36.52
N PRO C 106 12.73 21.22 37.51
CA PRO C 106 13.33 21.14 38.84
C PRO C 106 14.70 20.49 38.81
N ALA C 107 15.54 20.79 39.79
CA ALA C 107 16.86 20.19 39.86
C ALA C 107 16.71 18.68 39.95
N GLY C 108 17.51 17.97 39.18
CA GLY C 108 17.37 16.52 39.12
C GLY C 108 16.71 16.08 37.83
N GLY C 109 16.15 17.03 37.09
CA GLY C 109 15.56 16.72 35.79
C GLY C 109 14.38 15.77 35.91
N ILE C 110 14.08 15.06 34.83
CA ILE C 110 12.91 14.18 34.82
C ILE C 110 13.29 12.75 34.44
N ASP C 111 14.59 12.49 34.28
CA ASP C 111 15.04 11.16 33.91
C ASP C 111 14.63 10.11 34.93
N ASP C 112 13.87 9.12 34.46
CA ASP C 112 13.38 8.03 35.29
C ASP C 112 12.48 8.52 36.43
N ALA C 113 11.92 9.72 36.27
CA ALA C 113 10.96 10.26 37.24
C ALA C 113 9.52 10.01 36.81
N LEU C 114 8.59 10.14 37.75
CA LEU C 114 7.18 10.18 37.41
C LEU C 114 6.79 11.63 37.18
N VAL C 115 6.51 11.97 35.93
CA VAL C 115 6.12 13.32 35.59
C VAL C 115 4.61 13.42 35.58
N ILE C 116 4.07 14.35 36.35
CA ILE C 116 2.64 14.61 36.31
C ILE C 116 2.41 15.95 35.63
N LEU C 117 1.94 15.90 34.39
CA LEU C 117 1.57 17.10 33.66
C LEU C 117 0.32 17.69 34.28
N VAL C 118 0.27 19.01 34.39
CA VAL C 118 -0.83 19.70 35.03
C VAL C 118 -1.41 20.82 34.16
N ASP C 119 -2.71 20.81 33.98
CA ASP C 119 -3.38 21.89 33.27
C ASP C 119 -4.68 22.22 33.97
N ASP C 120 -5.25 23.39 33.67
CA ASP C 120 -6.47 23.79 34.33
C ASP C 120 -7.67 23.08 33.69
N VAL C 121 -7.70 23.03 32.35
CA VAL C 121 -8.82 22.42 31.65
C VAL C 121 -8.41 21.42 30.55
N LEU C 122 -9.00 20.24 30.59
CA LEU C 122 -8.83 19.27 29.50
C LEU C 122 -10.00 19.35 28.54
N TYR C 123 -9.70 19.60 27.28
CA TYR C 123 -10.71 19.79 26.25
C TYR C 123 -10.50 18.80 25.10
N SER C 124 -9.92 19.26 24.00
CA SER C 124 -9.65 18.38 22.86
C SER C 124 -8.49 17.44 23.17
N GLY C 125 -7.60 17.89 24.05
CA GLY C 125 -6.45 17.09 24.44
C GLY C 125 -5.22 17.46 23.66
N ARG C 126 -5.36 18.41 22.74
CA ARG C 126 -4.24 18.75 21.86
C ARG C 126 -3.07 19.43 22.60
N SER C 127 -3.37 20.22 23.62
CA SER C 127 -2.31 20.85 24.42
C SER C 127 -1.47 19.82 25.14
N VAL C 128 -2.14 18.82 25.72
CA VAL C 128 -1.46 17.74 26.43
C VAL C 128 -0.58 16.91 25.49
N ARG C 129 -1.04 16.66 24.27
CA ARG C 129 -0.18 15.95 23.32
C ARG C 129 1.07 16.78 23.01
N SER C 130 0.89 18.09 22.86
CA SER C 130 2.03 18.98 22.65
C SER C 130 2.99 18.86 23.83
N ALA C 131 2.43 18.79 25.04
CA ALA C 131 3.24 18.65 26.24
C ALA C 131 4.03 17.34 26.22
N LEU C 132 3.39 16.26 25.77
CA LEU C 132 4.07 14.98 25.66
C LEU C 132 5.25 15.08 24.68
N ASP C 133 5.03 15.79 23.58
CA ASP C 133 6.09 16.00 22.58
C ASP C 133 7.22 16.84 23.15
N ALA C 134 6.86 17.93 23.81
CA ALA C 134 7.82 18.82 24.46
C ALA C 134 8.64 18.10 25.51
N LEU C 135 8.01 17.13 26.17
CA LEU C 135 8.62 16.45 27.29
C LEU C 135 9.83 15.62 26.87
N ARG C 136 9.79 15.06 25.68
CA ARG C 136 10.89 14.19 25.26
C ARG C 136 12.09 14.97 24.73
N ASP C 137 11.95 16.28 24.56
CA ASP C 137 13.12 17.11 24.28
C ASP C 137 13.79 17.50 25.60
N VAL C 138 13.22 17.04 26.71
CA VAL C 138 13.74 17.36 28.04
C VAL C 138 14.39 16.15 28.72
N GLY C 139 13.80 14.98 28.55
CA GLY C 139 14.31 13.79 29.19
C GLY C 139 13.44 12.56 29.01
N ARG C 140 13.75 11.51 29.76
CA ARG C 140 13.05 10.24 29.65
C ARG C 140 12.45 9.82 30.99
N PRO C 141 11.19 10.20 31.23
CA PRO C 141 10.50 9.84 32.48
C PRO C 141 10.21 8.34 32.54
N ARG C 142 10.02 7.81 33.74
CA ARG C 142 9.59 6.42 33.87
C ARG C 142 8.15 6.30 33.38
N ALA C 143 7.36 7.33 33.67
CA ALA C 143 5.96 7.39 33.25
C ALA C 143 5.46 8.82 33.29
N VAL C 144 4.35 9.07 32.60
CA VAL C 144 3.71 10.37 32.59
C VAL C 144 2.24 10.28 32.97
N GLN C 145 1.84 11.07 33.97
CA GLN C 145 0.43 11.17 34.33
C GLN C 145 -0.11 12.56 34.01
N LEU C 146 -1.42 12.73 34.13
CA LEU C 146 -2.03 14.03 33.85
C LEU C 146 -3.06 14.40 34.91
N ALA C 147 -2.95 15.62 35.42
CA ALA C 147 -3.92 16.14 36.38
C ALA C 147 -4.54 17.45 35.87
N VAL C 148 -5.86 17.53 35.93
CA VAL C 148 -6.56 18.76 35.53
C VAL C 148 -7.67 19.10 36.51
N LEU C 149 -7.99 20.38 36.64
CA LEU C 149 -9.07 20.78 37.52
C LEU C 149 -10.40 20.38 36.90
N VAL C 150 -10.52 20.61 35.59
CA VAL C 150 -11.77 20.39 34.88
C VAL C 150 -11.57 19.60 33.59
N ASP C 151 -12.41 18.58 33.39
CA ASP C 151 -12.52 17.91 32.10
C ASP C 151 -13.85 18.32 31.47
N ARG C 152 -13.79 19.09 30.39
CA ARG C 152 -15.01 19.59 29.77
C ARG C 152 -15.43 18.76 28.55
N GLY C 153 -14.81 17.60 28.39
CA GLY C 153 -15.19 16.67 27.35
C GLY C 153 -14.76 17.07 25.94
N HIS C 154 -15.31 16.37 24.95
CA HIS C 154 -15.03 16.67 23.55
C HIS C 154 -13.57 16.45 23.18
N ARG C 155 -12.98 15.38 23.70
CA ARG C 155 -11.59 15.05 23.38
C ARG C 155 -11.49 14.64 21.92
N GLU C 156 -10.36 14.97 21.30
CA GLU C 156 -10.08 14.62 19.91
C GLU C 156 -8.91 13.65 19.81
N LEU C 157 -8.43 13.17 20.96
CA LEU C 157 -7.37 12.17 21.04
C LEU C 157 -7.66 11.22 22.19
N PRO C 158 -7.14 9.99 22.13
CA PRO C 158 -7.38 9.05 23.23
C PRO C 158 -6.57 9.39 24.49
N LEU C 159 -6.64 10.66 24.91
CA LEU C 159 -5.95 11.15 26.09
C LEU C 159 -6.92 11.39 27.24
N ARG C 160 -6.57 10.92 28.44
CA ARG C 160 -7.41 11.10 29.62
C ARG C 160 -6.58 11.55 30.82
N ALA C 161 -7.19 12.34 31.70
CA ALA C 161 -6.54 12.74 32.93
C ALA C 161 -6.54 11.60 33.94
N ASP C 162 -5.45 11.47 34.70
CA ASP C 162 -5.41 10.49 35.78
C ASP C 162 -6.04 11.07 37.05
N TYR C 163 -6.04 12.39 37.14
CA TYR C 163 -6.70 13.08 38.24
C TYR C 163 -7.59 14.16 37.63
N VAL C 164 -8.86 14.16 38.00
CA VAL C 164 -9.81 15.14 37.49
C VAL C 164 -10.55 15.81 38.64
N GLY C 165 -10.53 17.13 38.65
CA GLY C 165 -11.23 17.89 39.68
C GLY C 165 -12.72 17.73 39.50
N LYS C 166 -13.20 18.07 38.31
CA LYS C 166 -14.62 18.00 38.04
C LYS C 166 -14.88 17.71 36.57
N ASN C 167 -15.79 16.77 36.31
CA ASN C 167 -16.23 16.53 34.95
C ASN C 167 -17.39 17.45 34.62
N VAL C 168 -17.15 18.35 33.68
CA VAL C 168 -18.17 19.32 33.29
C VAL C 168 -18.64 19.06 31.87
N PRO C 169 -19.85 18.50 31.74
CA PRO C 169 -20.49 18.29 30.43
C PRO C 169 -20.78 19.63 29.79
N THR C 170 -20.44 19.78 28.51
CA THR C 170 -20.66 21.06 27.84
C THR C 170 -21.09 20.88 26.39
N SER C 171 -21.75 21.90 25.85
CA SER C 171 -21.99 21.94 24.42
C SER C 171 -20.73 22.52 23.80
N ARG C 172 -20.51 22.27 22.51
CA ARG C 172 -19.33 22.78 21.86
C ARG C 172 -19.33 24.32 21.88
N SER C 173 -20.52 24.90 22.01
CA SER C 173 -20.70 26.36 21.97
C SER C 173 -20.44 26.99 23.34
N GLU C 174 -20.37 26.17 24.38
CA GLU C 174 -20.11 26.67 25.73
C GLU C 174 -18.61 26.81 25.99
N SER C 175 -18.26 27.63 26.98
CA SER C 175 -16.87 27.78 27.38
C SER C 175 -16.72 27.58 28.89
N VAL C 176 -15.63 26.94 29.29
CA VAL C 176 -15.34 26.74 30.71
C VAL C 176 -14.15 27.59 31.12
N HIS C 177 -14.32 28.37 32.18
CA HIS C 177 -13.29 29.30 32.62
C HIS C 177 -12.80 28.99 34.02
N VAL C 178 -11.58 28.50 34.14
CA VAL C 178 -10.99 28.25 35.45
C VAL C 178 -10.28 29.50 35.99
N ARG C 179 -10.55 29.83 37.25
CA ARG C 179 -9.93 30.97 37.94
C ARG C 179 -9.16 30.53 39.20
N LEU C 180 -7.89 30.88 39.28
CA LEU C 180 -7.06 30.61 40.47
C LEU C 180 -6.54 31.94 41.05
N ARG C 181 -6.50 32.02 42.38
CA ARG C 181 -6.22 33.25 43.09
C ARG C 181 -4.95 33.94 42.59
N GLU C 182 -3.85 33.20 42.56
CA GLU C 182 -2.54 33.76 42.20
C GLU C 182 -2.47 34.22 40.74
N HIS C 183 -3.42 33.76 39.94
CA HIS C 183 -3.36 33.99 38.51
C HIS C 183 -4.42 34.99 38.08
N ASP C 184 -5.60 34.90 38.68
CA ASP C 184 -6.74 35.67 38.21
C ASP C 184 -7.40 36.53 39.27
N GLY C 185 -6.97 36.35 40.51
CA GLY C 185 -7.52 37.08 41.64
C GLY C 185 -8.52 36.36 42.51
N ARG C 186 -9.15 35.30 42.01
CA ARG C 186 -10.06 34.49 42.82
C ARG C 186 -9.97 33.02 42.42
N ASP C 187 -10.38 32.14 43.34
CA ASP C 187 -10.59 30.74 42.98
C ASP C 187 -12.05 30.55 42.58
N GLY C 188 -12.26 29.84 41.50
CA GLY C 188 -13.61 29.54 41.06
C GLY C 188 -13.60 28.99 39.65
N VAL C 189 -14.72 28.38 39.26
CA VAL C 189 -14.88 27.87 37.90
C VAL C 189 -16.21 28.35 37.36
N VAL C 190 -16.16 28.98 36.19
CA VAL C 190 -17.36 29.54 35.58
C VAL C 190 -17.59 28.96 34.19
N ILE C 191 -18.87 28.81 33.83
CA ILE C 191 -19.24 28.36 32.50
C ILE C 191 -20.06 29.46 31.81
N SER C 192 -19.82 29.62 30.52
CA SER C 192 -20.49 30.67 29.75
C SER C 192 -20.96 30.15 28.39
N ARG C 193 -21.90 30.85 27.76
CA ARG C 193 -22.35 30.50 26.42
C ARG C 193 -22.65 31.75 25.61
N GLU D 12 1.42 -21.52 34.83
CA GLU D 12 1.90 -21.43 33.46
C GLU D 12 0.96 -20.65 32.57
N SER D 13 -0.01 -21.33 31.95
CA SER D 13 -0.90 -20.65 31.03
C SER D 13 -2.36 -20.91 31.39
N ARG D 14 -3.24 -19.99 30.98
CA ARG D 14 -4.66 -20.07 31.29
C ARG D 14 -5.51 -19.16 30.38
N GLU D 15 -6.78 -19.55 30.19
CA GLU D 15 -7.68 -18.85 29.27
C GLU D 15 -8.47 -17.71 29.92
N LEU D 16 -8.36 -16.51 29.36
CA LEU D 16 -9.12 -15.35 29.82
C LEU D 16 -10.42 -15.19 29.03
N MET D 17 -10.35 -15.46 27.74
CA MET D 17 -11.51 -15.37 26.87
C MET D 17 -11.60 -16.56 25.92
N SER D 18 -12.77 -17.17 25.85
CA SER D 18 -13.01 -18.24 24.90
C SER D 18 -13.24 -17.66 23.51
N ALA D 19 -13.28 -18.51 22.50
CA ALA D 19 -13.57 -18.05 21.15
C ALA D 19 -14.94 -17.38 21.12
N ALA D 20 -15.90 -17.97 21.82
CA ALA D 20 -17.24 -17.39 21.92
C ALA D 20 -17.19 -16.04 22.67
N ASP D 21 -16.38 -15.96 23.72
CA ASP D 21 -16.17 -14.71 24.46
C ASP D 21 -15.69 -13.61 23.51
N VAL D 22 -14.63 -13.93 22.76
CA VAL D 22 -14.06 -12.98 21.83
C VAL D 22 -15.10 -12.53 20.80
N GLY D 23 -15.91 -13.47 20.33
CA GLY D 23 -16.94 -13.16 19.35
C GLY D 23 -17.96 -12.17 19.88
N ARG D 24 -18.50 -12.47 21.06
CA ARG D 24 -19.48 -11.61 21.70
C ARG D 24 -18.92 -10.22 21.99
N THR D 25 -17.67 -10.17 22.44
CA THR D 25 -17.05 -8.90 22.80
C THR D 25 -16.80 -8.02 21.57
N ILE D 26 -16.28 -8.63 20.50
CA ILE D 26 -16.04 -7.90 19.26
C ILE D 26 -17.33 -7.33 18.67
N SER D 27 -18.40 -8.11 18.73
CA SER D 27 -19.70 -7.67 18.24
C SER D 27 -20.19 -6.45 19.03
N ARG D 28 -19.99 -6.49 20.35
CA ARG D 28 -20.40 -5.38 21.19
C ARG D 28 -19.60 -4.11 20.88
N ILE D 29 -18.29 -4.26 20.69
CA ILE D 29 -17.46 -3.10 20.34
C ILE D 29 -17.92 -2.48 19.03
N ALA D 30 -18.20 -3.32 18.05
CA ALA D 30 -18.69 -2.84 16.76
C ALA D 30 -19.95 -1.97 16.96
N HIS D 31 -20.87 -2.43 17.81
CA HIS D 31 -22.10 -1.68 18.05
C HIS D 31 -21.83 -0.41 18.86
N GLN D 32 -20.82 -0.43 19.73
CA GLN D 32 -20.45 0.78 20.45
C GLN D 32 -19.94 1.84 19.47
N ILE D 33 -19.14 1.39 18.50
CA ILE D 33 -18.62 2.28 17.48
C ILE D 33 -19.74 2.90 16.65
N ILE D 34 -20.68 2.06 16.21
CA ILE D 34 -21.84 2.53 15.48
C ILE D 34 -22.63 3.54 16.31
N GLU D 35 -22.88 3.19 17.57
CA GLU D 35 -23.63 4.07 18.47
C GLU D 35 -22.92 5.42 18.65
N LYS D 36 -21.63 5.37 18.93
CA LYS D 36 -20.90 6.56 19.33
C LYS D 36 -20.58 7.48 18.14
N THR D 37 -20.42 6.92 16.95
CA THR D 37 -20.09 7.75 15.79
C THR D 37 -21.32 8.06 14.94
N ALA D 38 -22.39 7.31 15.17
CA ALA D 38 -23.60 7.44 14.37
C ALA D 38 -23.32 7.35 12.87
N LEU D 39 -22.39 6.46 12.49
CA LEU D 39 -22.02 6.33 11.09
C LEU D 39 -23.23 5.84 10.29
N ASP D 40 -24.23 5.35 11.01
CA ASP D 40 -25.42 4.77 10.38
C ASP D 40 -26.34 5.79 9.74
N ASP D 41 -26.58 6.91 10.41
CA ASP D 41 -27.50 7.91 9.85
C ASP D 41 -26.81 8.70 8.75
N PRO D 42 -27.60 9.41 7.93
CA PRO D 42 -27.03 10.20 6.84
C PRO D 42 -25.94 11.12 7.38
N VAL D 43 -24.75 10.97 6.80
CA VAL D 43 -23.53 11.65 7.23
C VAL D 43 -23.74 13.12 7.58
N GLY D 44 -23.65 13.99 6.58
CA GLY D 44 -23.81 15.41 6.79
C GLY D 44 -22.59 16.03 7.45
N PRO D 45 -22.71 17.32 7.79
CA PRO D 45 -21.70 18.18 8.41
C PRO D 45 -21.19 17.66 9.75
N ASP D 46 -22.11 17.23 10.60
CA ASP D 46 -21.81 16.85 11.98
C ASP D 46 -21.47 15.37 12.19
N ALA D 47 -21.40 14.59 11.11
CA ALA D 47 -21.02 13.19 11.20
C ALA D 47 -19.91 12.82 10.21
N PRO D 48 -18.65 12.82 10.65
CA PRO D 48 -17.53 12.60 9.73
C PRO D 48 -17.40 11.14 9.34
N ARG D 49 -16.84 10.85 8.16
CA ARG D 49 -16.65 9.46 7.78
C ARG D 49 -15.68 8.83 8.75
N VAL D 50 -15.89 7.55 9.04
CA VAL D 50 -15.06 6.81 9.98
C VAL D 50 -14.00 5.95 9.28
N VAL D 51 -12.78 5.97 9.80
CA VAL D 51 -11.74 5.10 9.26
C VAL D 51 -11.05 4.33 10.37
N LEU D 52 -11.03 3.00 10.23
CA LEU D 52 -10.35 2.14 11.18
C LEU D 52 -8.94 1.83 10.71
N LEU D 53 -7.95 2.22 11.51
CA LEU D 53 -6.56 1.91 11.22
C LEU D 53 -6.01 1.00 12.30
N GLY D 54 -5.56 -0.18 11.89
CA GLY D 54 -5.02 -1.14 12.83
C GLY D 54 -3.53 -0.99 13.02
N ILE D 55 -3.06 -1.30 14.23
CA ILE D 55 -1.63 -1.36 14.51
C ILE D 55 -1.18 -2.79 14.21
N PRO D 56 -0.19 -2.95 13.31
CA PRO D 56 0.27 -4.29 12.93
C PRO D 56 0.69 -5.14 14.13
N THR D 57 0.37 -6.42 14.12
CA THR D 57 -0.34 -7.03 13.00
C THR D 57 -1.76 -7.45 13.41
N ARG D 58 -1.91 -7.90 14.65
CA ARG D 58 -3.22 -8.36 15.12
C ARG D 58 -4.21 -7.21 15.27
N GLY D 59 -3.70 -5.99 15.47
CA GLY D 59 -4.55 -4.82 15.50
C GLY D 59 -5.17 -4.59 14.13
N VAL D 60 -4.40 -4.88 13.10
CA VAL D 60 -4.88 -4.78 11.72
C VAL D 60 -5.91 -5.88 11.46
N THR D 61 -5.64 -7.08 11.96
CA THR D 61 -6.61 -8.18 11.86
C THR D 61 -7.91 -7.79 12.55
N LEU D 62 -7.82 -7.23 13.75
CA LEU D 62 -8.98 -6.85 14.53
C LEU D 62 -9.73 -5.74 13.82
N ALA D 63 -9.00 -4.79 13.27
CA ALA D 63 -9.62 -3.70 12.55
C ALA D 63 -10.43 -4.23 11.37
N ASN D 64 -9.87 -5.19 10.65
CA ASN D 64 -10.56 -5.77 9.49
C ASN D 64 -11.85 -6.44 9.90
N ARG D 65 -11.81 -7.18 11.00
CA ARG D 65 -13.00 -7.83 11.47
C ARG D 65 -14.06 -6.84 11.93
N LEU D 66 -13.63 -5.78 12.61
CA LEU D 66 -14.57 -4.75 13.07
C LEU D 66 -15.26 -4.10 11.89
N ALA D 67 -14.50 -3.81 10.85
CA ALA D 67 -15.04 -3.21 9.64
C ALA D 67 -16.12 -4.10 9.02
N GLY D 68 -15.82 -5.40 8.96
CA GLY D 68 -16.77 -6.37 8.46
C GLY D 68 -18.05 -6.41 9.28
N ASN D 69 -17.89 -6.50 10.60
CA ASN D 69 -19.02 -6.48 11.52
C ASN D 69 -19.86 -5.23 11.34
N ILE D 70 -19.21 -4.08 11.30
CA ILE D 70 -19.91 -2.82 11.15
C ILE D 70 -20.75 -2.75 9.88
N THR D 71 -20.19 -3.25 8.78
CA THR D 71 -20.93 -3.26 7.52
C THR D 71 -22.14 -4.19 7.61
N GLU D 72 -21.96 -5.34 8.24
CA GLU D 72 -23.05 -6.31 8.39
C GLU D 72 -24.20 -5.76 9.25
N TYR D 73 -23.89 -4.94 10.25
CA TYR D 73 -24.91 -4.44 11.17
C TYR D 73 -25.55 -3.12 10.72
N SER D 74 -24.82 -2.34 9.93
CA SER D 74 -25.25 -1.00 9.58
C SER D 74 -25.38 -0.77 8.07
N GLY D 75 -24.76 -1.64 7.28
CA GLY D 75 -24.76 -1.46 5.84
C GLY D 75 -23.74 -0.42 5.39
N ILE D 76 -23.10 0.23 6.36
CA ILE D 76 -22.09 1.23 6.06
C ILE D 76 -20.72 0.60 5.85
N HIS D 77 -20.07 0.92 4.74
CA HIS D 77 -18.71 0.45 4.48
C HIS D 77 -17.72 1.45 5.04
N VAL D 78 -17.07 1.11 6.14
CA VAL D 78 -16.06 1.98 6.71
C VAL D 78 -14.70 1.69 6.10
N GLY D 79 -13.96 2.75 5.82
CA GLY D 79 -12.60 2.61 5.34
C GLY D 79 -11.77 1.99 6.45
N HIS D 80 -10.85 1.13 6.07
CA HIS D 80 -9.96 0.51 7.04
C HIS D 80 -8.62 0.18 6.41
N GLY D 81 -7.57 0.21 7.22
CA GLY D 81 -6.24 -0.04 6.73
C GLY D 81 -5.28 -0.33 7.86
N ALA D 82 -4.01 -0.06 7.61
CA ALA D 82 -2.97 -0.37 8.57
C ALA D 82 -2.05 0.82 8.71
N LEU D 83 -1.48 0.96 9.90
CA LEU D 83 -0.61 2.07 10.18
C LEU D 83 0.71 1.54 10.70
N ASP D 84 1.72 1.53 9.85
CA ASP D 84 3.04 1.02 10.24
C ASP D 84 3.69 2.00 11.19
N ILE D 85 4.19 1.50 12.31
CA ILE D 85 4.75 2.37 13.34
C ILE D 85 6.20 2.04 13.63
N THR D 86 6.84 1.31 12.73
CA THR D 86 8.21 0.85 12.93
C THR D 86 9.20 2.00 13.10
N LEU D 87 9.04 3.04 12.29
CA LEU D 87 9.97 4.17 12.32
C LEU D 87 9.57 5.22 13.35
N TYR D 88 8.76 4.83 14.33
CA TYR D 88 8.23 5.76 15.31
C TYR D 88 8.38 5.26 16.74
N ARG D 89 9.31 4.33 16.95
CA ARG D 89 9.55 3.77 18.29
C ARG D 89 10.82 4.30 18.93
N ASP D 90 11.10 3.80 20.14
CA ASP D 90 12.29 4.12 20.94
C ASP D 90 12.93 5.47 20.64
N SER D 102 5.30 -0.75 5.06
CA SER D 102 4.55 0.27 4.33
C SER D 102 3.14 0.45 4.88
N THR D 103 2.80 1.71 5.20
CA THR D 103 1.48 2.06 5.73
C THR D 103 0.40 1.97 4.65
N SER D 104 -0.83 1.65 5.07
CA SER D 104 -1.93 1.49 4.14
C SER D 104 -3.15 2.28 4.58
N ILE D 105 -3.36 3.38 3.88
CA ILE D 105 -4.47 4.29 4.14
C ILE D 105 -5.48 4.16 3.01
N PRO D 106 -6.77 3.98 3.34
CA PRO D 106 -7.73 3.88 2.24
C PRO D 106 -7.71 5.14 1.37
N ALA D 107 -8.06 4.98 0.10
CA ALA D 107 -8.06 6.09 -0.85
C ALA D 107 -9.00 7.21 -0.42
N GLY D 108 -8.54 8.45 -0.54
CA GLY D 108 -9.31 9.58 -0.05
C GLY D 108 -8.71 10.08 1.26
N GLY D 109 -7.79 9.29 1.81
CA GLY D 109 -7.07 9.63 3.02
C GLY D 109 -7.89 9.70 4.29
N ILE D 110 -7.35 10.41 5.28
CA ILE D 110 -7.97 10.49 6.59
C ILE D 110 -8.21 11.93 7.06
N ASP D 111 -7.97 12.89 6.17
CA ASP D 111 -8.18 14.30 6.49
C ASP D 111 -9.63 14.58 6.88
N ASP D 112 -9.79 15.13 8.07
CA ASP D 112 -11.09 15.48 8.63
C ASP D 112 -11.99 14.26 8.81
N ALA D 113 -11.39 13.08 8.88
CA ALA D 113 -12.14 11.87 9.19
C ALA D 113 -12.04 11.60 10.69
N LEU D 114 -12.95 10.76 11.20
CA LEU D 114 -12.79 10.29 12.56
C LEU D 114 -12.01 8.98 12.45
N VAL D 115 -10.75 9.01 12.88
CA VAL D 115 -9.89 7.83 12.79
C VAL D 115 -9.91 7.07 14.10
N ILE D 116 -10.21 5.78 14.00
CA ILE D 116 -10.16 4.92 15.17
C ILE D 116 -8.95 4.00 15.08
N LEU D 117 -7.97 4.22 15.93
CA LEU D 117 -6.83 3.31 16.04
C LEU D 117 -7.31 2.01 16.67
N VAL D 118 -6.82 0.88 16.16
CA VAL D 118 -7.22 -0.42 16.68
C VAL D 118 -6.03 -1.28 17.03
N ASP D 119 -6.02 -1.81 18.25
CA ASP D 119 -4.96 -2.71 18.66
C ASP D 119 -5.53 -3.87 19.46
N ASP D 120 -4.76 -4.94 19.60
CA ASP D 120 -5.25 -6.10 20.34
C ASP D 120 -5.10 -5.90 21.85
N VAL D 121 -3.95 -5.39 22.26
CA VAL D 121 -3.65 -5.21 23.68
C VAL D 121 -3.13 -3.81 24.00
N LEU D 122 -3.73 -3.17 25.00
CA LEU D 122 -3.20 -1.90 25.49
C LEU D 122 -2.39 -2.19 26.74
N TYR D 123 -1.12 -1.77 26.71
CA TYR D 123 -0.22 -2.06 27.82
C TYR D 123 0.32 -0.75 28.37
N SER D 124 1.56 -0.42 28.00
CA SER D 124 2.19 0.83 28.44
C SER D 124 1.61 2.02 27.70
N GLY D 125 1.13 1.78 26.49
CA GLY D 125 0.55 2.82 25.65
C GLY D 125 1.53 3.40 24.66
N ARG D 126 2.77 2.92 24.69
CA ARG D 126 3.81 3.50 23.83
C ARG D 126 3.59 3.16 22.36
N SER D 127 3.01 2.00 22.07
CA SER D 127 2.66 1.66 20.69
C SER D 127 1.59 2.60 20.15
N VAL D 128 0.59 2.90 20.98
CA VAL D 128 -0.46 3.81 20.57
C VAL D 128 0.11 5.21 20.32
N ARG D 129 1.04 5.64 21.16
CA ARG D 129 1.65 6.94 20.95
C ARG D 129 2.42 7.00 19.63
N SER D 130 3.15 5.93 19.32
CA SER D 130 3.85 5.83 18.05
C SER D 130 2.85 5.91 16.90
N ALA D 131 1.71 5.27 17.07
CA ALA D 131 0.66 5.30 16.06
C ALA D 131 0.17 6.73 15.84
N LEU D 132 0.00 7.48 16.91
CA LEU D 132 -0.40 8.88 16.80
C LEU D 132 0.65 9.66 16.03
N ASP D 133 1.92 9.39 16.29
CA ASP D 133 3.02 10.05 15.56
C ASP D 133 3.01 9.69 14.08
N ALA D 134 2.93 8.39 13.78
CA ALA D 134 2.87 7.96 12.40
C ALA D 134 1.65 8.55 11.70
N LEU D 135 0.56 8.69 12.46
CA LEU D 135 -0.72 9.13 11.93
C LEU D 135 -0.61 10.58 11.49
N ARG D 136 0.26 11.32 12.17
CA ARG D 136 0.40 12.75 11.91
C ARG D 136 1.24 13.06 10.67
N ASP D 137 1.99 12.07 10.19
CA ASP D 137 2.73 12.18 8.93
C ASP D 137 1.89 11.72 7.75
N VAL D 138 0.66 11.30 8.04
CA VAL D 138 -0.23 10.76 7.03
C VAL D 138 -1.33 11.74 6.66
N GLY D 139 -1.85 12.45 7.65
CA GLY D 139 -2.93 13.40 7.42
C GLY D 139 -3.44 14.05 8.69
N ARG D 140 -4.52 14.79 8.57
CA ARG D 140 -5.06 15.52 9.71
C ARG D 140 -6.51 15.13 9.97
N PRO D 141 -6.71 14.12 10.81
CA PRO D 141 -8.06 13.64 11.14
C PRO D 141 -8.84 14.67 11.95
N ARG D 142 -10.16 14.57 11.93
CA ARG D 142 -10.97 15.44 12.75
C ARG D 142 -10.77 15.07 14.23
N ALA D 143 -10.67 13.78 14.49
CA ALA D 143 -10.43 13.26 15.84
C ALA D 143 -9.89 11.84 15.76
N VAL D 144 -9.26 11.38 16.83
CA VAL D 144 -8.72 10.02 16.87
C VAL D 144 -9.23 9.29 18.10
N GLN D 145 -9.82 8.12 17.87
CA GLN D 145 -10.25 7.28 18.98
C GLN D 145 -9.41 6.02 18.99
N LEU D 146 -9.56 5.22 20.05
CA LEU D 146 -8.78 3.99 20.17
C LEU D 146 -9.65 2.82 20.64
N ALA D 147 -9.53 1.70 19.94
CA ALA D 147 -10.22 0.47 20.33
C ALA D 147 -9.23 -0.67 20.50
N VAL D 148 -9.34 -1.38 21.62
CA VAL D 148 -8.51 -2.57 21.88
C VAL D 148 -9.36 -3.70 22.44
N LEU D 149 -8.94 -4.93 22.16
CA LEU D 149 -9.64 -6.09 22.70
C LEU D 149 -9.37 -6.20 24.21
N VAL D 150 -8.12 -5.96 24.60
CA VAL D 150 -7.71 -6.10 26.00
C VAL D 150 -6.94 -4.90 26.54
N ASP D 151 -7.33 -4.43 27.72
CA ASP D 151 -6.52 -3.48 28.45
C ASP D 151 -5.90 -4.19 29.64
N ARG D 152 -4.58 -4.35 29.62
CA ARG D 152 -3.90 -5.11 30.67
C ARG D 152 -3.28 -4.19 31.72
N GLY D 153 -3.62 -2.91 31.67
CA GLY D 153 -3.16 -1.97 32.69
C GLY D 153 -1.70 -1.59 32.54
N HIS D 154 -1.16 -0.93 33.56
CA HIS D 154 0.25 -0.52 33.59
C HIS D 154 0.60 0.53 32.52
N ARG D 155 -0.28 1.49 32.29
CA ARG D 155 0.01 2.54 31.32
C ARG D 155 1.16 3.42 31.82
N GLU D 156 1.97 3.92 30.88
CA GLU D 156 3.06 4.82 31.22
C GLU D 156 2.81 6.19 30.58
N LEU D 157 1.64 6.33 29.98
CA LEU D 157 1.23 7.60 29.37
C LEU D 157 -0.25 7.77 29.66
N PRO D 158 -0.73 9.03 29.65
CA PRO D 158 -2.16 9.30 29.91
C PRO D 158 -3.03 8.96 28.70
N LEU D 159 -2.84 7.77 28.15
CA LEU D 159 -3.60 7.29 27.01
C LEU D 159 -4.59 6.22 27.44
N ARG D 160 -5.85 6.35 27.03
CA ARG D 160 -6.87 5.35 27.35
C ARG D 160 -7.67 5.02 26.10
N ALA D 161 -8.16 3.78 26.02
CA ALA D 161 -9.00 3.35 24.92
C ALA D 161 -10.42 3.89 25.07
N ASP D 162 -11.06 4.27 23.97
CA ASP D 162 -12.45 4.69 24.02
C ASP D 162 -13.39 3.49 23.96
N TYR D 163 -12.88 2.38 23.42
CA TYR D 163 -13.61 1.13 23.39
C TYR D 163 -12.69 0.05 23.95
N VAL D 164 -13.15 -0.68 24.95
CA VAL D 164 -12.32 -1.72 25.56
C VAL D 164 -13.05 -3.05 25.61
N GLY D 165 -12.42 -4.08 25.07
CA GLY D 165 -13.02 -5.40 25.08
C GLY D 165 -13.11 -5.97 26.48
N LYS D 166 -11.97 -6.07 27.15
CA LYS D 166 -11.92 -6.62 28.49
C LYS D 166 -10.77 -6.01 29.28
N ASN D 167 -11.03 -5.59 30.52
CA ASN D 167 -9.93 -5.15 31.39
C ASN D 167 -9.34 -6.35 32.11
N VAL D 168 -8.09 -6.64 31.80
CA VAL D 168 -7.41 -7.80 32.37
C VAL D 168 -6.28 -7.34 33.29
N PRO D 169 -6.49 -7.47 34.61
CA PRO D 169 -5.42 -7.16 35.56
C PRO D 169 -4.27 -8.12 35.37
N THR D 170 -3.05 -7.60 35.33
CA THR D 170 -1.90 -8.48 35.09
C THR D 170 -0.71 -8.04 35.93
N SER D 171 0.18 -8.98 36.22
CA SER D 171 1.47 -8.61 36.81
C SER D 171 2.39 -8.30 35.64
N ARG D 172 3.45 -7.53 35.89
CA ARG D 172 4.39 -7.19 34.82
C ARG D 172 5.07 -8.43 34.25
N SER D 173 5.11 -9.51 35.04
CA SER D 173 5.81 -10.72 34.63
C SER D 173 4.93 -11.60 33.75
N GLU D 174 3.64 -11.28 33.70
CA GLU D 174 2.70 -12.05 32.91
C GLU D 174 2.67 -11.57 31.47
N SER D 175 2.20 -12.43 30.57
CA SER D 175 2.05 -12.06 29.18
C SER D 175 0.63 -12.34 28.69
N VAL D 176 0.12 -11.46 27.85
CA VAL D 176 -1.22 -11.65 27.30
C VAL D 176 -1.15 -11.99 25.83
N HIS D 177 -1.80 -13.08 25.44
CA HIS D 177 -1.76 -13.54 24.07
C HIS D 177 -3.15 -13.53 23.47
N VAL D 178 -3.40 -12.60 22.57
CA VAL D 178 -4.65 -12.56 21.85
C VAL D 178 -4.53 -13.43 20.60
N ARG D 179 -5.52 -14.27 20.37
CA ARG D 179 -5.53 -15.13 19.20
C ARG D 179 -6.74 -14.75 18.37
N LEU D 180 -6.52 -14.44 17.11
CA LEU D 180 -7.61 -14.16 16.20
C LEU D 180 -7.56 -15.15 15.04
N ARG D 181 -8.74 -15.63 14.65
CA ARG D 181 -8.89 -16.68 13.66
C ARG D 181 -8.14 -16.43 12.35
N GLU D 182 -8.26 -15.23 11.78
CA GLU D 182 -7.61 -14.93 10.50
C GLU D 182 -6.09 -14.91 10.62
N HIS D 183 -5.59 -14.83 11.85
CA HIS D 183 -4.15 -14.71 12.12
C HIS D 183 -3.58 -15.97 12.77
N ASP D 184 -4.35 -16.59 13.65
CA ASP D 184 -3.84 -17.67 14.50
C ASP D 184 -4.62 -18.98 14.36
N GLY D 185 -5.72 -18.97 13.61
CA GLY D 185 -6.45 -20.20 13.41
C GLY D 185 -7.60 -20.35 14.37
N ARG D 186 -7.55 -19.59 15.46
CA ARG D 186 -8.60 -19.62 16.48
C ARG D 186 -8.82 -18.25 17.14
N ASP D 187 -10.00 -18.04 17.70
CA ASP D 187 -10.24 -16.88 18.55
C ASP D 187 -10.00 -17.22 20.01
N GLY D 188 -9.34 -16.33 20.74
CA GLY D 188 -9.15 -16.55 22.16
C GLY D 188 -8.13 -15.61 22.76
N VAL D 189 -8.15 -15.52 24.09
CA VAL D 189 -7.16 -14.74 24.81
C VAL D 189 -6.64 -15.57 25.98
N VAL D 190 -5.33 -15.72 26.02
CA VAL D 190 -4.68 -16.54 27.05
C VAL D 190 -3.67 -15.71 27.82
N ILE D 191 -3.49 -16.02 29.09
CA ILE D 191 -2.47 -15.37 29.91
C ILE D 191 -1.45 -16.42 30.35
N SER D 192 -0.19 -16.02 30.42
CA SER D 192 0.90 -16.94 30.76
C SER D 192 1.86 -16.34 31.78
N ARG D 193 2.70 -17.17 32.39
CA ARG D 193 3.68 -16.70 33.36
C ARG D 193 5.02 -17.41 33.23
N GLU E 12 7.36 -22.34 -32.81
CA GLU E 12 5.94 -22.04 -32.70
C GLU E 12 5.47 -22.06 -31.24
N SER E 13 4.22 -22.45 -31.01
CA SER E 13 3.67 -22.47 -29.65
C SER E 13 3.02 -23.81 -29.29
N ARG E 14 2.95 -24.11 -27.99
CA ARG E 14 2.33 -25.34 -27.52
C ARG E 14 1.89 -25.21 -26.06
N GLU E 15 0.81 -25.89 -25.68
CA GLU E 15 0.25 -25.76 -24.33
C GLU E 15 0.86 -26.77 -23.37
N LEU E 16 1.44 -26.27 -22.27
CA LEU E 16 2.00 -27.13 -21.24
C LEU E 16 0.99 -27.39 -20.13
N MET E 17 0.23 -26.35 -19.81
CA MET E 17 -0.79 -26.44 -18.77
C MET E 17 -2.06 -25.73 -19.20
N SER E 18 -3.19 -26.40 -19.04
CA SER E 18 -4.49 -25.78 -19.29
C SER E 18 -4.88 -24.88 -18.11
N ALA E 19 -5.93 -24.09 -18.29
CA ALA E 19 -6.43 -23.24 -17.21
C ALA E 19 -6.80 -24.11 -16.01
N ALA E 20 -7.44 -25.25 -16.28
CA ALA E 20 -7.81 -26.20 -15.23
C ALA E 20 -6.55 -26.76 -14.56
N ASP E 21 -5.52 -27.04 -15.37
CA ASP E 21 -4.23 -27.48 -14.85
C ASP E 21 -3.67 -26.47 -13.85
N VAL E 22 -3.61 -25.21 -14.26
CA VAL E 22 -3.07 -24.15 -13.43
C VAL E 22 -3.84 -24.00 -12.13
N GLY E 23 -5.16 -24.13 -12.20
CA GLY E 23 -6.00 -24.03 -11.01
C GLY E 23 -5.70 -25.13 -10.01
N ARG E 24 -5.71 -26.36 -10.49
CA ARG E 24 -5.43 -27.50 -9.63
C ARG E 24 -4.02 -27.42 -9.03
N THR E 25 -3.05 -26.98 -9.82
CA THR E 25 -1.67 -26.90 -9.36
C THR E 25 -1.46 -25.80 -8.32
N ILE E 26 -2.03 -24.63 -8.58
CA ILE E 26 -1.94 -23.52 -7.64
C ILE E 26 -2.61 -23.90 -6.32
N SER E 27 -3.71 -24.64 -6.42
CA SER E 27 -4.42 -25.10 -5.24
C SER E 27 -3.53 -26.04 -4.43
N ARG E 28 -2.82 -26.93 -5.12
CA ARG E 28 -1.91 -27.86 -4.44
C ARG E 28 -0.76 -27.13 -3.75
N ILE E 29 -0.21 -26.14 -4.44
CA ILE E 29 0.86 -25.34 -3.85
C ILE E 29 0.36 -24.68 -2.57
N ALA E 30 -0.83 -24.08 -2.63
CA ALA E 30 -1.41 -23.43 -1.46
C ALA E 30 -1.48 -24.37 -0.26
N HIS E 31 -1.89 -25.62 -0.51
CA HIS E 31 -1.99 -26.59 0.57
C HIS E 31 -0.62 -27.05 1.08
N GLN E 32 0.36 -27.12 0.19
CA GLN E 32 1.74 -27.44 0.60
C GLN E 32 2.26 -26.36 1.52
N ILE E 33 2.00 -25.11 1.16
CA ILE E 33 2.43 -23.97 1.97
C ILE E 33 1.79 -24.04 3.36
N ILE E 34 0.48 -24.26 3.40
CA ILE E 34 -0.23 -24.40 4.66
C ILE E 34 0.34 -25.53 5.51
N GLU E 35 0.54 -26.68 4.89
CA GLU E 35 1.08 -27.85 5.57
C GLU E 35 2.49 -27.59 6.12
N LYS E 36 3.34 -26.99 5.29
CA LYS E 36 4.76 -26.88 5.63
C LYS E 36 5.00 -25.77 6.65
N THR E 37 4.16 -24.75 6.66
CA THR E 37 4.33 -23.64 7.61
C THR E 37 3.42 -23.79 8.80
N ALA E 38 2.46 -24.72 8.72
CA ALA E 38 1.46 -24.88 9.77
C ALA E 38 0.76 -23.57 10.09
N LEU E 39 0.36 -22.84 9.04
CA LEU E 39 -0.27 -21.53 9.17
C LEU E 39 -1.53 -21.55 10.00
N ASP E 40 -2.12 -22.73 10.11
CA ASP E 40 -3.37 -22.95 10.81
C ASP E 40 -3.19 -22.80 12.31
N ASP E 41 -1.99 -23.12 12.75
CA ASP E 41 -1.62 -23.06 14.14
C ASP E 41 -1.32 -21.61 14.55
N PRO E 42 -1.38 -21.33 15.85
CA PRO E 42 -1.12 -20.01 16.45
C PRO E 42 0.29 -19.50 16.13
N VAL E 43 0.40 -18.29 15.57
CA VAL E 43 1.70 -17.67 15.29
C VAL E 43 2.61 -17.70 16.52
N GLY E 44 3.78 -18.31 16.38
CA GLY E 44 4.73 -18.46 17.46
C GLY E 44 6.07 -18.93 16.92
N PRO E 45 6.98 -19.34 17.83
CA PRO E 45 8.33 -19.80 17.47
C PRO E 45 8.32 -20.94 16.44
N ASP E 46 7.47 -21.94 16.61
CA ASP E 46 7.48 -23.07 15.69
C ASP E 46 6.49 -22.90 14.54
N ALA E 47 5.68 -21.85 14.61
CA ALA E 47 4.79 -21.50 13.50
C ALA E 47 4.83 -19.98 13.30
N PRO E 48 5.77 -19.51 12.46
CA PRO E 48 5.99 -18.07 12.27
C PRO E 48 4.94 -17.43 11.37
N ARG E 49 4.74 -16.13 11.51
CA ARG E 49 3.83 -15.44 10.59
C ARG E 49 4.38 -15.48 9.17
N VAL E 50 3.52 -15.75 8.20
CA VAL E 50 3.92 -15.86 6.80
C VAL E 50 3.59 -14.63 5.97
N VAL E 51 4.52 -14.24 5.12
CA VAL E 51 4.31 -13.16 4.17
C VAL E 51 4.75 -13.60 2.77
N LEU E 52 3.85 -13.49 1.79
CA LEU E 52 4.19 -13.80 0.40
C LEU E 52 4.60 -12.54 -0.34
N LEU E 53 5.83 -12.52 -0.84
CA LEU E 53 6.29 -11.40 -1.64
C LEU E 53 6.56 -11.87 -3.07
N GLY E 54 5.85 -11.28 -4.02
CA GLY E 54 5.98 -11.67 -5.40
C GLY E 54 7.02 -10.85 -6.14
N ILE E 55 7.67 -11.46 -7.12
CA ILE E 55 8.56 -10.74 -8.02
C ILE E 55 7.77 -10.21 -9.21
N PRO E 56 7.83 -8.89 -9.43
CA PRO E 56 7.07 -8.26 -10.51
C PRO E 56 7.40 -8.91 -11.86
N THR E 57 6.39 -9.12 -12.70
CA THR E 57 5.03 -8.69 -12.38
C THR E 57 4.06 -9.85 -12.13
N ARG E 58 4.20 -10.94 -12.89
CA ARG E 58 3.30 -12.08 -12.73
C ARG E 58 3.53 -12.83 -11.41
N GLY E 59 4.72 -12.70 -10.86
CA GLY E 59 5.00 -13.28 -9.55
C GLY E 59 4.14 -12.64 -8.47
N VAL E 60 3.88 -11.34 -8.61
CA VAL E 60 3.04 -10.63 -7.65
C VAL E 60 1.58 -11.10 -7.70
N THR E 61 1.05 -11.26 -8.90
CA THR E 61 -0.28 -11.80 -9.10
C THR E 61 -0.42 -13.20 -8.51
N LEU E 62 0.60 -14.03 -8.74
CA LEU E 62 0.58 -15.40 -8.25
C LEU E 62 0.57 -15.39 -6.73
N ALA E 63 1.35 -14.49 -6.15
CA ALA E 63 1.38 -14.36 -4.70
C ALA E 63 -0.01 -14.01 -4.20
N ASN E 64 -0.67 -13.11 -4.91
CA ASN E 64 -2.01 -12.69 -4.54
C ASN E 64 -3.01 -13.84 -4.66
N ARG E 65 -2.87 -14.64 -5.71
CA ARG E 65 -3.73 -15.80 -5.91
C ARG E 65 -3.54 -16.83 -4.80
N LEU E 66 -2.29 -17.06 -4.41
CA LEU E 66 -1.98 -18.00 -3.34
C LEU E 66 -2.62 -17.57 -2.03
N ALA E 67 -2.52 -16.27 -1.75
CA ALA E 67 -3.09 -15.70 -0.54
C ALA E 67 -4.59 -15.93 -0.49
N GLY E 68 -5.26 -15.74 -1.62
CA GLY E 68 -6.67 -16.00 -1.70
C GLY E 68 -6.99 -17.45 -1.39
N ASN E 69 -6.27 -18.36 -2.05
CA ASN E 69 -6.46 -19.77 -1.81
C ASN E 69 -6.24 -20.13 -0.35
N ILE E 70 -5.14 -19.66 0.22
CA ILE E 70 -4.81 -19.96 1.61
C ILE E 70 -5.92 -19.50 2.54
N THR E 71 -6.47 -18.32 2.25
CA THR E 71 -7.56 -17.78 3.05
C THR E 71 -8.79 -18.66 2.92
N GLU E 72 -9.07 -19.09 1.69
CA GLU E 72 -10.23 -19.95 1.42
C GLU E 72 -10.12 -21.31 2.11
N TYR E 73 -8.92 -21.87 2.16
CA TYR E 73 -8.70 -23.22 2.68
C TYR E 73 -8.44 -23.25 4.18
N SER E 74 -7.88 -22.17 4.71
CA SER E 74 -7.42 -22.19 6.08
C SER E 74 -8.07 -21.10 6.94
N GLY E 75 -8.63 -20.10 6.29
CA GLY E 75 -9.19 -18.96 7.01
C GLY E 75 -8.12 -17.96 7.43
N ILE E 76 -6.86 -18.29 7.20
CA ILE E 76 -5.76 -17.39 7.55
C ILE E 76 -5.51 -16.35 6.47
N HIS E 77 -5.47 -15.09 6.87
CA HIS E 77 -5.12 -14.02 5.95
C HIS E 77 -3.61 -13.79 6.01
N VAL E 78 -2.89 -14.22 4.98
CA VAL E 78 -1.45 -14.00 4.94
C VAL E 78 -1.14 -12.66 4.28
N GLY E 79 -0.16 -11.96 4.82
CA GLY E 79 0.30 -10.73 4.20
C GLY E 79 0.86 -11.09 2.83
N HIS E 80 0.67 -10.20 1.86
CA HIS E 80 1.22 -10.43 0.55
C HIS E 80 1.54 -9.09 -0.10
N GLY E 81 2.58 -9.05 -0.92
CA GLY E 81 3.00 -7.81 -1.54
C GLY E 81 3.96 -8.04 -2.69
N ALA E 82 4.78 -7.04 -2.97
CA ALA E 82 5.68 -7.12 -4.12
C ALA E 82 7.08 -6.67 -3.75
N LEU E 83 8.07 -7.26 -4.41
CA LEU E 83 9.46 -6.97 -4.15
C LEU E 83 10.17 -6.61 -5.45
N ASP E 84 10.37 -5.32 -5.67
CA ASP E 84 11.02 -4.85 -6.88
C ASP E 84 12.51 -5.18 -6.84
N ILE E 85 13.03 -5.74 -7.93
CA ILE E 85 14.43 -6.16 -7.98
C ILE E 85 15.18 -5.42 -9.09
N THR E 86 14.60 -4.30 -9.53
CA THR E 86 15.17 -3.50 -10.61
C THR E 86 16.57 -2.99 -10.28
N LEU E 87 16.74 -2.49 -9.06
CA LEU E 87 18.00 -1.91 -8.63
C LEU E 87 18.95 -2.95 -8.05
N TYR E 88 18.72 -4.21 -8.37
CA TYR E 88 19.51 -5.29 -7.77
C TYR E 88 20.01 -6.31 -8.77
N ARG E 89 20.09 -5.92 -10.05
CA ARG E 89 20.52 -6.83 -11.08
C ARG E 89 21.97 -6.57 -11.50
N ASP E 90 22.44 -7.36 -12.47
CA ASP E 90 23.79 -7.24 -12.98
C ASP E 90 23.93 -6.10 -13.98
N SER E 102 7.24 -1.63 -8.45
CA SER E 102 7.30 -0.87 -7.20
C SER E 102 7.18 -1.81 -6.00
N THR E 103 8.12 -1.72 -5.07
CA THR E 103 8.12 -2.63 -3.94
C THR E 103 6.97 -2.27 -2.99
N SER E 104 6.30 -3.30 -2.47
CA SER E 104 5.16 -3.13 -1.57
C SER E 104 5.20 -4.13 -0.43
N ILE E 105 5.53 -3.67 0.77
CA ILE E 105 5.61 -4.55 1.92
C ILE E 105 4.44 -4.32 2.86
N PRO E 106 3.72 -5.39 3.24
CA PRO E 106 2.59 -5.17 4.15
C PRO E 106 3.04 -4.58 5.49
N ALA E 107 2.14 -3.83 6.12
CA ALA E 107 2.44 -3.15 7.39
C ALA E 107 2.86 -4.15 8.46
N GLY E 108 3.89 -3.80 9.20
CA GLY E 108 4.45 -4.69 10.21
C GLY E 108 5.73 -5.30 9.69
N GLY E 109 5.98 -5.15 8.39
CA GLY E 109 7.22 -5.61 7.80
C GLY E 109 7.41 -7.12 7.84
N ILE E 110 8.65 -7.55 7.77
CA ILE E 110 8.96 -8.96 7.65
C ILE E 110 9.91 -9.50 8.72
N ASP E 111 10.24 -8.66 9.72
CA ASP E 111 11.18 -9.07 10.77
C ASP E 111 10.70 -10.31 11.51
N ASP E 112 11.53 -11.35 11.50
CA ASP E 112 11.24 -12.62 12.15
C ASP E 112 9.99 -13.31 11.54
N ALA E 113 9.67 -12.93 10.31
CA ALA E 113 8.58 -13.59 9.59
C ALA E 113 9.12 -14.69 8.66
N LEU E 114 8.25 -15.59 8.24
CA LEU E 114 8.61 -16.52 7.19
C LEU E 114 8.20 -15.92 5.87
N VAL E 115 9.19 -15.49 5.08
CA VAL E 115 8.90 -14.88 3.80
C VAL E 115 9.01 -15.90 2.68
N ILE E 116 7.94 -16.00 1.91
CA ILE E 116 7.91 -16.85 0.74
C ILE E 116 7.97 -16.01 -0.52
N LEU E 117 9.12 -16.03 -1.19
CA LEU E 117 9.25 -15.37 -2.48
C LEU E 117 8.45 -16.12 -3.53
N VAL E 118 7.76 -15.37 -4.38
CA VAL E 118 6.93 -15.98 -5.38
C VAL E 118 7.25 -15.42 -6.76
N ASP E 119 7.49 -16.33 -7.69
CA ASP E 119 7.71 -15.94 -9.08
C ASP E 119 6.98 -16.95 -9.94
N ASP E 120 6.75 -16.62 -11.20
CA ASP E 120 6.06 -17.53 -12.10
C ASP E 120 6.99 -18.59 -12.68
N VAL E 121 8.20 -18.19 -13.09
CA VAL E 121 9.14 -19.14 -13.68
C VAL E 121 10.53 -19.03 -13.08
N LEU E 122 11.06 -20.18 -12.67
CA LEU E 122 12.43 -20.27 -12.21
C LEU E 122 13.31 -20.77 -13.33
N TYR E 123 14.32 -19.98 -13.66
CA TYR E 123 15.19 -20.27 -14.78
C TYR E 123 16.63 -20.37 -14.28
N SER E 124 17.42 -19.33 -14.51
CA SER E 124 18.80 -19.28 -14.08
C SER E 124 18.93 -19.11 -12.56
N GLY E 125 17.92 -18.49 -11.96
CA GLY E 125 17.92 -18.26 -10.53
C GLY E 125 18.44 -16.88 -10.18
N ARG E 126 18.83 -16.11 -11.20
CA ARG E 126 19.41 -14.80 -10.97
C ARG E 126 18.37 -13.79 -10.47
N SER E 127 17.13 -13.90 -10.95
CA SER E 127 16.08 -13.02 -10.44
C SER E 127 15.84 -13.28 -8.96
N VAL E 128 15.83 -14.55 -8.59
CA VAL E 128 15.63 -14.92 -7.20
C VAL E 128 16.74 -14.40 -6.31
N ARG E 129 17.98 -14.44 -6.79
CA ARG E 129 19.08 -13.91 -6.01
C ARG E 129 18.95 -12.40 -5.81
N SER E 130 18.54 -11.68 -6.85
CA SER E 130 18.30 -10.26 -6.72
C SER E 130 17.24 -9.99 -5.65
N ALA E 131 16.21 -10.83 -5.63
CA ALA E 131 15.14 -10.70 -4.65
C ALA E 131 15.70 -10.87 -3.24
N LEU E 132 16.62 -11.83 -3.08
CA LEU E 132 17.27 -12.05 -1.80
C LEU E 132 18.04 -10.82 -1.34
N ASP E 133 18.74 -10.18 -2.29
CA ASP E 133 19.47 -8.94 -2.00
C ASP E 133 18.53 -7.81 -1.62
N ALA E 134 17.49 -7.63 -2.44
CA ALA E 134 16.50 -6.58 -2.18
C ALA E 134 15.83 -6.78 -0.83
N LEU E 135 15.66 -8.04 -0.45
CA LEU E 135 14.92 -8.38 0.75
C LEU E 135 15.63 -7.91 2.03
N ARG E 136 16.96 -7.95 2.06
CA ARG E 136 17.66 -7.57 3.28
C ARG E 136 17.77 -6.05 3.44
N ASP E 137 17.39 -5.31 2.40
CA ASP E 137 17.27 -3.86 2.51
C ASP E 137 15.88 -3.52 3.03
N VAL E 138 15.07 -4.55 3.28
CA VAL E 138 13.72 -4.37 3.78
C VAL E 138 13.63 -4.76 5.24
N GLY E 139 14.30 -5.85 5.61
CA GLY E 139 14.25 -6.33 6.98
C GLY E 139 14.97 -7.64 7.16
N ARG E 140 14.81 -8.24 8.33
CA ARG E 140 15.46 -9.50 8.64
C ARG E 140 14.43 -10.58 9.02
N PRO E 141 13.99 -11.36 8.02
CA PRO E 141 13.04 -12.46 8.17
C PRO E 141 13.62 -13.60 8.99
N ARG E 142 12.76 -14.43 9.56
CA ARG E 142 13.23 -15.62 10.23
C ARG E 142 13.81 -16.62 9.21
N ALA E 143 13.15 -16.74 8.07
CA ALA E 143 13.60 -17.62 6.99
C ALA E 143 12.95 -17.19 5.68
N VAL E 144 13.54 -17.63 4.57
CA VAL E 144 13.01 -17.30 3.26
C VAL E 144 12.81 -18.58 2.45
N GLN E 145 11.60 -18.76 1.92
CA GLN E 145 11.29 -19.86 1.01
C GLN E 145 10.97 -19.33 -0.38
N LEU E 146 10.84 -20.23 -1.34
CA LEU E 146 10.53 -19.84 -2.72
C LEU E 146 9.47 -20.73 -3.37
N ALA E 147 8.47 -20.09 -3.96
CA ALA E 147 7.42 -20.81 -4.69
C ALA E 147 7.33 -20.31 -6.13
N VAL E 148 7.31 -21.23 -7.09
CA VAL E 148 7.16 -20.87 -8.49
C VAL E 148 6.15 -21.78 -9.18
N LEU E 149 5.47 -21.26 -10.19
CA LEU E 149 4.53 -22.08 -10.93
C LEU E 149 5.28 -23.09 -11.78
N VAL E 150 6.37 -22.64 -12.39
CA VAL E 150 7.15 -23.48 -13.29
C VAL E 150 8.64 -23.41 -12.99
N ASP E 151 9.28 -24.57 -12.95
CA ASP E 151 10.74 -24.64 -12.92
C ASP E 151 11.16 -25.13 -14.30
N ARG E 152 11.84 -24.25 -15.02
CA ARG E 152 12.23 -24.47 -16.40
C ARG E 152 13.67 -24.95 -16.55
N GLY E 153 14.30 -25.31 -15.43
CA GLY E 153 15.66 -25.85 -15.44
C GLY E 153 16.73 -24.81 -15.73
N HIS E 154 17.95 -25.27 -15.96
CA HIS E 154 19.07 -24.39 -16.31
C HIS E 154 19.46 -23.38 -15.23
N ARG E 155 19.47 -23.79 -13.97
CA ARG E 155 19.87 -22.85 -12.92
C ARG E 155 21.36 -22.51 -13.05
N GLU E 156 21.72 -21.29 -12.69
CA GLU E 156 23.13 -20.88 -12.71
C GLU E 156 23.60 -20.57 -11.29
N LEU E 157 22.73 -20.82 -10.33
CA LEU E 157 23.03 -20.66 -8.91
C LEU E 157 22.38 -21.80 -8.13
N PRO E 158 22.94 -22.12 -6.95
CA PRO E 158 22.41 -23.20 -6.11
C PRO E 158 21.13 -22.78 -5.39
N LEU E 159 20.20 -22.21 -6.15
CA LEU E 159 18.91 -21.82 -5.62
C LEU E 159 17.82 -22.76 -6.15
N ARG E 160 16.97 -23.27 -5.27
CA ARG E 160 15.87 -24.12 -5.70
C ARG E 160 14.57 -23.70 -5.02
N ALA E 161 13.46 -23.88 -5.71
CA ALA E 161 12.16 -23.55 -5.12
C ALA E 161 11.76 -24.60 -4.11
N ASP E 162 11.13 -24.16 -3.02
CA ASP E 162 10.58 -25.05 -2.02
C ASP E 162 9.21 -25.56 -2.46
N TYR E 163 8.56 -24.79 -3.33
CA TYR E 163 7.29 -25.19 -3.92
C TYR E 163 7.38 -25.02 -5.44
N VAL E 164 7.07 -26.08 -6.17
CA VAL E 164 7.12 -26.04 -7.62
C VAL E 164 5.83 -26.56 -8.21
N GLY E 165 5.21 -25.78 -9.09
CA GLY E 165 4.00 -26.20 -9.77
C GLY E 165 4.25 -27.33 -10.74
N LYS E 166 5.19 -27.11 -11.65
CA LYS E 166 5.53 -28.08 -12.69
C LYS E 166 6.99 -27.95 -13.11
N ASN E 167 7.71 -29.07 -13.19
CA ASN E 167 9.06 -29.07 -13.77
C ASN E 167 8.97 -29.26 -15.27
N VAL E 168 9.35 -28.23 -16.01
CA VAL E 168 9.26 -28.26 -17.47
C VAL E 168 10.64 -28.22 -18.11
N PRO E 169 11.07 -29.35 -18.67
CA PRO E 169 12.35 -29.42 -19.40
C PRO E 169 12.31 -28.51 -20.63
N THR E 170 13.35 -27.71 -20.81
CA THR E 170 13.39 -26.78 -21.92
C THR E 170 14.79 -26.65 -22.51
N SER E 171 14.86 -26.27 -23.78
CA SER E 171 16.11 -25.89 -24.39
C SER E 171 16.37 -24.40 -24.17
N ARG E 172 17.62 -24.00 -24.35
CA ARG E 172 18.01 -22.61 -24.20
C ARG E 172 17.25 -21.71 -25.18
N SER E 173 16.81 -22.28 -26.29
CA SER E 173 16.15 -21.53 -27.35
C SER E 173 14.65 -21.36 -27.15
N GLU E 174 14.08 -22.16 -26.24
CA GLU E 174 12.64 -22.08 -25.97
C GLU E 174 12.30 -21.02 -24.93
N SER E 175 11.04 -20.59 -24.93
CA SER E 175 10.54 -19.64 -23.93
C SER E 175 9.29 -20.16 -23.25
N VAL E 176 9.14 -19.89 -21.96
CA VAL E 176 7.95 -20.32 -21.26
C VAL E 176 7.09 -19.11 -20.90
N HIS E 177 5.82 -19.16 -21.25
CA HIS E 177 4.91 -18.05 -21.01
C HIS E 177 3.77 -18.46 -20.10
N VAL E 178 3.81 -17.95 -18.87
CA VAL E 178 2.74 -18.17 -17.91
C VAL E 178 1.68 -17.10 -18.08
N ARG E 179 0.42 -17.52 -18.08
CA ARG E 179 -0.71 -16.59 -18.16
C ARG E 179 -1.59 -16.72 -16.95
N LEU E 180 -1.87 -15.60 -16.30
CA LEU E 180 -2.75 -15.58 -15.15
C LEU E 180 -3.96 -14.70 -15.45
N ARG E 181 -5.15 -15.16 -15.03
CA ARG E 181 -6.41 -14.53 -15.41
C ARG E 181 -6.43 -13.03 -15.13
N GLU E 182 -5.98 -12.62 -13.95
CA GLU E 182 -6.03 -11.20 -13.57
C GLU E 182 -5.16 -10.36 -14.47
N HIS E 183 -4.28 -11.01 -15.22
CA HIS E 183 -3.30 -10.35 -16.07
C HIS E 183 -3.64 -10.50 -17.55
N ASP E 184 -4.08 -11.71 -17.91
CA ASP E 184 -4.21 -12.08 -19.31
C ASP E 184 -5.62 -12.55 -19.70
N GLY E 185 -6.49 -12.68 -18.71
CA GLY E 185 -7.87 -13.07 -18.98
C GLY E 185 -8.07 -14.55 -18.82
N ARG E 186 -6.96 -15.30 -18.91
CA ARG E 186 -6.99 -16.74 -18.76
C ARG E 186 -5.76 -17.22 -18.01
N ASP E 187 -5.89 -18.38 -17.38
CA ASP E 187 -4.79 -19.09 -16.77
C ASP E 187 -4.20 -20.07 -17.78
N GLY E 188 -2.87 -20.17 -17.82
CA GLY E 188 -2.25 -21.16 -18.68
C GLY E 188 -0.75 -21.02 -18.82
N VAL E 189 -0.14 -22.09 -19.29
CA VAL E 189 1.29 -22.12 -19.54
C VAL E 189 1.55 -22.65 -20.93
N VAL E 190 2.29 -21.86 -21.71
CA VAL E 190 2.59 -22.22 -23.07
C VAL E 190 4.10 -22.20 -23.27
N ILE E 191 4.59 -23.06 -24.17
CA ILE E 191 6.00 -23.05 -24.52
C ILE E 191 6.10 -22.68 -25.99
N SER E 192 7.11 -21.88 -26.32
CA SER E 192 7.29 -21.38 -27.68
C SER E 192 8.74 -21.48 -28.11
N ARG E 193 8.97 -21.40 -29.42
CA ARG E 193 10.32 -21.45 -29.97
C ARG E 193 10.47 -20.48 -31.14
N GLU F 12 25.32 -38.51 24.34
CA GLU F 12 26.35 -37.58 23.89
C GLU F 12 26.61 -37.64 22.39
N SER F 13 27.49 -38.53 21.96
CA SER F 13 27.87 -38.63 20.55
C SER F 13 27.79 -40.04 19.98
N ARG F 14 27.69 -40.13 18.66
CA ARG F 14 27.63 -41.41 17.97
C ARG F 14 28.16 -41.18 16.55
N GLU F 15 28.67 -42.24 15.94
CA GLU F 15 29.29 -42.14 14.63
C GLU F 15 28.24 -42.27 13.52
N LEU F 16 28.18 -41.28 12.64
CA LEU F 16 27.27 -41.31 11.50
C LEU F 16 27.95 -41.90 10.27
N MET F 17 29.22 -41.57 10.09
CA MET F 17 29.98 -42.07 8.96
C MET F 17 31.37 -42.48 9.42
N SER F 18 31.76 -43.68 9.01
CA SER F 18 33.10 -44.18 9.28
C SER F 18 34.08 -43.54 8.28
N ALA F 19 35.37 -43.73 8.52
CA ALA F 19 36.38 -43.24 7.59
C ALA F 19 36.17 -43.84 6.20
N ALA F 20 35.83 -45.13 6.18
CA ALA F 20 35.53 -45.82 4.94
C ALA F 20 34.29 -45.22 4.27
N ASP F 21 33.28 -44.89 5.08
CA ASP F 21 32.07 -44.26 4.56
C ASP F 21 32.39 -42.97 3.84
N VAL F 22 33.14 -42.10 4.52
CA VAL F 22 33.52 -40.80 3.98
C VAL F 22 34.32 -40.95 2.70
N GLY F 23 35.22 -41.93 2.68
CA GLY F 23 36.03 -42.20 1.50
C GLY F 23 35.16 -42.58 0.32
N ARG F 24 34.26 -43.54 0.53
CA ARG F 24 33.33 -44.00 -0.52
C ARG F 24 32.44 -42.87 -1.02
N THR F 25 31.97 -42.04 -0.09
CA THR F 25 31.07 -40.94 -0.43
C THR F 25 31.80 -39.84 -1.21
N ILE F 26 32.98 -39.46 -0.72
CA ILE F 26 33.77 -38.42 -1.37
C ILE F 26 34.13 -38.85 -2.80
N SER F 27 34.43 -40.14 -2.94
CA SER F 27 34.72 -40.69 -4.26
C SER F 27 33.48 -40.60 -5.18
N ARG F 28 32.32 -40.92 -4.65
CA ARG F 28 31.08 -40.86 -5.42
C ARG F 28 30.80 -39.42 -5.85
N ILE F 29 31.01 -38.47 -4.94
CA ILE F 29 30.83 -37.05 -5.26
C ILE F 29 31.76 -36.61 -6.39
N ALA F 30 33.04 -37.00 -6.32
CA ALA F 30 34.00 -36.64 -7.36
C ALA F 30 33.52 -37.13 -8.73
N HIS F 31 33.00 -38.35 -8.78
CA HIS F 31 32.53 -38.91 -10.05
C HIS F 31 31.25 -38.22 -10.52
N GLN F 32 30.42 -37.78 -9.57
CA GLN F 32 29.22 -37.02 -9.92
C GLN F 32 29.62 -35.69 -10.56
N ILE F 33 30.61 -35.04 -9.98
CA ILE F 33 31.12 -33.78 -10.52
C ILE F 33 31.65 -33.98 -11.93
N ILE F 34 32.51 -34.99 -12.10
CA ILE F 34 33.05 -35.33 -13.41
C ILE F 34 31.93 -35.61 -14.40
N GLU F 35 30.95 -36.41 -13.98
CA GLU F 35 29.82 -36.73 -14.84
C GLU F 35 29.05 -35.48 -15.25
N LYS F 36 28.75 -34.63 -14.28
CA LYS F 36 27.83 -33.51 -14.49
C LYS F 36 28.49 -32.35 -15.20
N THR F 37 29.80 -32.19 -15.04
CA THR F 37 30.51 -31.08 -15.69
C THR F 37 31.22 -31.53 -16.96
N ALA F 38 31.37 -32.85 -17.10
CA ALA F 38 32.12 -33.43 -18.21
C ALA F 38 33.48 -32.76 -18.36
N LEU F 39 34.12 -32.46 -17.23
CA LEU F 39 35.38 -31.71 -17.23
C LEU F 39 36.54 -32.41 -17.94
N ASP F 40 36.44 -33.72 -18.13
CA ASP F 40 37.49 -34.47 -18.85
C ASP F 40 37.37 -34.29 -20.37
N ASP F 41 36.19 -33.90 -20.86
CA ASP F 41 36.04 -33.67 -22.30
C ASP F 41 36.74 -32.40 -22.75
N PRO F 42 37.04 -32.32 -24.05
CA PRO F 42 37.75 -31.22 -24.70
C PRO F 42 37.08 -29.87 -24.52
N VAL F 43 36.95 -29.42 -23.27
CA VAL F 43 36.38 -28.12 -22.90
C VAL F 43 35.33 -27.60 -23.88
N GLY F 44 35.52 -26.35 -24.30
CA GLY F 44 34.65 -25.73 -25.29
C GLY F 44 33.73 -24.62 -24.83
N PRO F 45 32.90 -24.13 -25.76
CA PRO F 45 31.98 -23.02 -25.51
C PRO F 45 30.98 -23.28 -24.39
N ASP F 46 30.29 -24.40 -24.47
CA ASP F 46 29.24 -24.69 -23.50
C ASP F 46 29.76 -25.59 -22.38
N ALA F 47 31.07 -25.84 -22.38
CA ALA F 47 31.70 -26.64 -21.33
C ALA F 47 32.83 -25.86 -20.70
N PRO F 48 32.51 -25.12 -19.63
CA PRO F 48 33.43 -24.21 -18.95
C PRO F 48 34.42 -24.96 -18.07
N ARG F 49 35.58 -24.36 -17.86
CA ARG F 49 36.57 -24.95 -16.98
C ARG F 49 35.98 -24.98 -15.57
N VAL F 50 36.34 -26.00 -14.79
CA VAL F 50 35.81 -26.15 -13.45
C VAL F 50 36.77 -25.60 -12.39
N VAL F 51 36.23 -24.86 -11.43
CA VAL F 51 37.01 -24.36 -10.30
C VAL F 51 36.30 -24.67 -8.99
N LEU F 52 36.99 -25.36 -8.08
CA LEU F 52 36.45 -25.67 -6.76
C LEU F 52 36.96 -24.65 -5.73
N LEU F 53 36.05 -23.92 -5.11
CA LEU F 53 36.44 -22.99 -4.05
C LEU F 53 35.82 -23.40 -2.72
N GLY F 54 36.66 -23.70 -1.75
CA GLY F 54 36.18 -24.14 -0.45
C GLY F 54 35.98 -23.00 0.52
N ILE F 55 35.03 -23.17 1.42
CA ILE F 55 34.83 -22.24 2.52
C ILE F 55 35.72 -22.66 3.68
N PRO F 56 36.59 -21.75 4.16
CA PRO F 56 37.53 -22.07 5.23
C PRO F 56 36.86 -22.59 6.49
N THR F 57 37.47 -23.59 7.11
CA THR F 57 38.70 -24.18 6.61
C THR F 57 38.49 -25.62 6.16
N ARG F 58 37.61 -26.33 6.85
CA ARG F 58 37.39 -27.73 6.55
C ARG F 58 36.72 -27.89 5.17
N GLY F 59 36.02 -26.86 4.72
CA GLY F 59 35.48 -26.84 3.37
C GLY F 59 36.60 -26.79 2.35
N VAL F 60 37.67 -26.08 2.68
CA VAL F 60 38.83 -26.00 1.81
C VAL F 60 39.50 -27.38 1.70
N THR F 61 39.60 -28.06 2.83
CA THR F 61 40.14 -29.43 2.87
C THR F 61 39.31 -30.35 1.98
N LEU F 62 37.99 -30.25 2.07
CA LEU F 62 37.14 -31.08 1.24
C LEU F 62 37.30 -30.74 -0.25
N ALA F 63 37.38 -29.45 -0.57
CA ALA F 63 37.57 -29.05 -1.98
C ALA F 63 38.89 -29.62 -2.51
N ASN F 64 39.93 -29.52 -1.69
CA ASN F 64 41.24 -30.01 -2.08
C ASN F 64 41.21 -31.54 -2.28
N ARG F 65 40.53 -32.24 -1.39
CA ARG F 65 40.46 -33.68 -1.53
C ARG F 65 39.73 -34.05 -2.81
N LEU F 66 38.64 -33.33 -3.11
CA LEU F 66 37.87 -33.59 -4.32
C LEU F 66 38.72 -33.39 -5.57
N ALA F 67 39.50 -32.32 -5.60
CA ALA F 67 40.38 -32.04 -6.74
C ALA F 67 41.35 -33.20 -6.98
N GLY F 68 41.91 -33.73 -5.89
CA GLY F 68 42.81 -34.87 -5.97
C GLY F 68 42.12 -36.07 -6.58
N ASN F 69 40.95 -36.40 -6.05
CA ASN F 69 40.16 -37.50 -6.58
C ASN F 69 39.87 -37.33 -8.06
N ILE F 70 39.38 -36.14 -8.43
CA ILE F 70 39.02 -35.87 -9.82
C ILE F 70 40.22 -36.06 -10.72
N THR F 71 41.38 -35.62 -10.25
CA THR F 71 42.60 -35.78 -11.02
C THR F 71 42.97 -37.25 -11.15
N GLU F 72 42.81 -37.99 -10.05
CA GLU F 72 43.12 -39.41 -10.04
C GLU F 72 42.22 -40.20 -10.99
N TYR F 73 40.96 -39.79 -11.10
CA TYR F 73 39.98 -40.52 -11.88
C TYR F 73 39.93 -40.07 -13.33
N SER F 74 40.32 -38.83 -13.59
CA SER F 74 40.13 -38.24 -14.91
C SER F 74 41.44 -37.78 -15.55
N GLY F 75 42.47 -37.61 -14.75
CA GLY F 75 43.75 -37.10 -15.22
C GLY F 75 43.70 -35.60 -15.38
N ILE F 76 42.52 -35.03 -15.18
CA ILE F 76 42.32 -33.59 -15.28
C ILE F 76 42.59 -32.88 -13.94
N HIS F 77 43.43 -31.85 -14.00
CA HIS F 77 43.70 -31.00 -12.84
C HIS F 77 42.75 -29.81 -12.78
N VAL F 78 41.79 -29.83 -11.85
CA VAL F 78 40.88 -28.70 -11.73
C VAL F 78 41.47 -27.65 -10.81
N GLY F 79 41.30 -26.38 -11.17
CA GLY F 79 41.75 -25.31 -10.30
C GLY F 79 40.94 -25.39 -9.02
N HIS F 80 41.59 -25.14 -7.90
CA HIS F 80 40.89 -25.13 -6.63
C HIS F 80 41.56 -24.16 -5.68
N GLY F 81 40.77 -23.61 -4.76
CA GLY F 81 41.26 -22.63 -3.82
C GLY F 81 40.33 -22.45 -2.64
N ALA F 82 40.36 -21.25 -2.07
CA ALA F 82 39.55 -20.94 -0.90
C ALA F 82 38.85 -19.60 -1.07
N LEU F 83 37.67 -19.49 -0.49
CA LEU F 83 36.90 -18.26 -0.56
C LEU F 83 36.48 -17.84 0.83
N ASP F 84 37.15 -16.84 1.37
CA ASP F 84 36.86 -16.35 2.72
C ASP F 84 35.56 -15.54 2.75
N ILE F 85 34.72 -15.81 3.74
CA ILE F 85 33.43 -15.14 3.86
C ILE F 85 33.29 -14.35 5.16
N THR F 86 34.42 -14.05 5.79
CA THR F 86 34.44 -13.37 7.09
C THR F 86 33.77 -11.99 7.03
N LEU F 87 34.03 -11.25 5.97
CA LEU F 87 33.50 -9.90 5.79
C LEU F 87 32.15 -9.89 5.10
N TYR F 88 31.43 -11.02 5.13
CA TYR F 88 30.21 -11.14 4.35
C TYR F 88 29.00 -11.69 5.11
N ARG F 89 29.02 -11.58 6.43
CA ARG F 89 27.93 -12.12 7.26
C ARG F 89 26.96 -11.05 7.77
N ASP F 90 25.98 -11.48 8.57
CA ASP F 90 24.97 -10.60 9.16
C ASP F 90 24.32 -9.69 8.12
N SER F 102 42.52 -16.19 4.50
CA SER F 102 42.96 -15.65 3.22
C SER F 102 42.27 -16.35 2.05
N THR F 103 41.67 -15.56 1.17
CA THR F 103 41.04 -16.06 -0.04
C THR F 103 42.13 -16.48 -1.02
N SER F 104 41.89 -17.57 -1.75
CA SER F 104 42.86 -18.06 -2.73
C SER F 104 42.17 -18.51 -4.01
N ILE F 105 42.36 -17.75 -5.08
CA ILE F 105 41.75 -18.05 -6.37
C ILE F 105 42.82 -18.57 -7.33
N PRO F 106 42.57 -19.74 -7.94
CA PRO F 106 43.52 -20.37 -8.87
C PRO F 106 43.83 -19.49 -10.06
N ALA F 107 44.99 -19.69 -10.67
CA ALA F 107 45.39 -18.92 -11.83
C ALA F 107 44.37 -19.08 -12.95
N GLY F 108 44.02 -17.98 -13.59
CA GLY F 108 43.00 -17.99 -14.62
C GLY F 108 41.68 -17.44 -14.11
N GLY F 109 41.58 -17.31 -12.79
CA GLY F 109 40.40 -16.73 -12.16
C GLY F 109 39.15 -17.55 -12.36
N ILE F 110 38.00 -16.90 -12.19
CA ILE F 110 36.73 -17.60 -12.26
C ILE F 110 35.77 -17.00 -13.28
N ASP F 111 36.22 -15.99 -14.00
CA ASP F 111 35.38 -15.35 -15.01
C ASP F 111 34.97 -16.39 -16.04
N ASP F 112 33.67 -16.56 -16.21
CA ASP F 112 33.11 -17.52 -17.16
C ASP F 112 33.49 -18.97 -16.85
N ALA F 113 33.87 -19.23 -15.61
CA ALA F 113 34.16 -20.59 -15.17
C ALA F 113 32.94 -21.19 -14.48
N LEU F 114 32.93 -22.50 -14.32
CA LEU F 114 31.92 -23.14 -13.47
C LEU F 114 32.53 -23.23 -12.08
N VAL F 115 32.02 -22.43 -11.15
CA VAL F 115 32.56 -22.42 -9.80
C VAL F 115 31.75 -23.34 -8.90
N ILE F 116 32.44 -24.27 -8.25
CA ILE F 116 31.79 -25.15 -7.29
C ILE F 116 32.22 -24.78 -5.89
N LEU F 117 31.32 -24.14 -5.15
CA LEU F 117 31.56 -23.85 -3.74
C LEU F 117 31.53 -25.16 -2.97
N VAL F 118 32.45 -25.31 -2.02
CA VAL F 118 32.54 -26.54 -1.24
C VAL F 118 32.56 -26.25 0.25
N ASP F 119 31.68 -26.93 0.99
CA ASP F 119 31.66 -26.80 2.43
C ASP F 119 31.46 -28.18 3.05
N ASP F 120 31.77 -28.33 4.33
CA ASP F 120 31.63 -29.64 4.96
C ASP F 120 30.18 -29.88 5.39
N VAL F 121 29.53 -28.87 5.95
CA VAL F 121 28.16 -29.03 6.43
C VAL F 121 27.23 -27.92 5.94
N LEU F 122 26.11 -28.32 5.36
CA LEU F 122 25.06 -27.37 4.99
C LEU F 122 23.97 -27.37 6.05
N TYR F 123 23.70 -26.20 6.60
CA TYR F 123 22.74 -26.05 7.69
C TYR F 123 21.65 -25.06 7.29
N SER F 124 21.74 -23.83 7.78
CA SER F 124 20.78 -22.77 7.45
C SER F 124 20.95 -22.27 6.02
N GLY F 125 22.19 -22.36 5.51
CA GLY F 125 22.49 -21.92 4.17
C GLY F 125 23.07 -20.51 4.17
N ARG F 126 23.18 -19.91 5.35
CA ARG F 126 23.63 -18.53 5.43
C ARG F 126 25.12 -18.35 5.07
N SER F 127 25.95 -19.35 5.37
CA SER F 127 27.36 -19.28 4.98
C SER F 127 27.49 -19.29 3.47
N VAL F 128 26.72 -20.15 2.82
CA VAL F 128 26.75 -20.28 1.37
C VAL F 128 26.31 -18.98 0.70
N ARG F 129 25.31 -18.31 1.27
CA ARG F 129 24.92 -17.02 0.69
C ARG F 129 26.05 -16.01 0.80
N SER F 130 26.75 -16.01 1.93
CA SER F 130 27.92 -15.15 2.10
C SER F 130 28.96 -15.45 1.02
N ALA F 131 29.14 -16.73 0.72
CA ALA F 131 30.07 -17.13 -0.33
C ALA F 131 29.64 -16.58 -1.69
N LEU F 132 28.33 -16.62 -1.96
CA LEU F 132 27.83 -16.07 -3.21
C LEU F 132 28.15 -14.57 -3.24
N ASP F 133 28.00 -13.92 -2.09
CA ASP F 133 28.37 -12.52 -1.95
C ASP F 133 29.89 -12.31 -2.09
N ALA F 134 30.68 -13.16 -1.44
CA ALA F 134 32.14 -13.07 -1.56
C ALA F 134 32.57 -13.25 -3.03
N LEU F 135 31.85 -14.09 -3.75
CA LEU F 135 32.21 -14.43 -5.13
C LEU F 135 32.08 -13.26 -6.08
N ARG F 136 31.13 -12.35 -5.82
CA ARG F 136 30.83 -11.25 -6.75
C ARG F 136 31.92 -10.20 -6.64
N ASP F 137 32.74 -10.29 -5.59
CA ASP F 137 33.90 -9.43 -5.45
C ASP F 137 35.16 -10.01 -6.07
N VAL F 138 35.04 -11.21 -6.64
CA VAL F 138 36.19 -11.89 -7.24
C VAL F 138 36.10 -11.92 -8.77
N GLY F 139 34.91 -12.16 -9.29
CA GLY F 139 34.72 -12.26 -10.73
C GLY F 139 33.30 -12.65 -11.10
N ARG F 140 33.11 -12.97 -12.38
CA ARG F 140 31.79 -13.35 -12.88
C ARG F 140 31.82 -14.74 -13.51
N PRO F 141 31.54 -15.77 -12.70
CA PRO F 141 31.49 -17.13 -13.23
C PRO F 141 30.32 -17.32 -14.19
N ARG F 142 30.41 -18.32 -15.06
CA ARG F 142 29.29 -18.63 -15.92
C ARG F 142 28.16 -19.21 -15.06
N ALA F 143 28.54 -20.01 -14.07
CA ALA F 143 27.57 -20.60 -13.15
C ALA F 143 28.22 -21.02 -11.84
N VAL F 144 27.41 -21.19 -10.81
CA VAL F 144 27.88 -21.60 -9.50
C VAL F 144 27.12 -22.82 -8.99
N GLN F 145 27.86 -23.87 -8.61
CA GLN F 145 27.26 -25.03 -7.98
C GLN F 145 27.75 -25.15 -6.55
N LEU F 146 27.14 -26.06 -5.79
CA LEU F 146 27.50 -26.26 -4.38
C LEU F 146 27.63 -27.74 -4.05
N ALA F 147 28.73 -28.09 -3.40
CA ALA F 147 28.97 -29.46 -2.92
C ALA F 147 29.26 -29.46 -1.42
N VAL F 148 28.58 -30.33 -0.69
CA VAL F 148 28.80 -30.48 0.74
C VAL F 148 28.85 -31.95 1.12
N LEU F 149 29.59 -32.29 2.18
CA LEU F 149 29.63 -33.66 2.65
C LEU F 149 28.32 -34.04 3.33
N VAL F 150 27.78 -33.12 4.14
CA VAL F 150 26.58 -33.39 4.92
C VAL F 150 25.56 -32.26 4.78
N ASP F 151 24.31 -32.63 4.54
CA ASP F 151 23.20 -31.70 4.66
C ASP F 151 22.38 -32.08 5.90
N ARG F 152 22.42 -31.25 6.93
CA ARG F 152 21.73 -31.56 8.18
C ARG F 152 20.38 -30.86 8.28
N GLY F 153 19.92 -30.31 7.15
CA GLY F 153 18.60 -29.70 7.10
C GLY F 153 18.49 -28.35 7.78
N HIS F 154 17.25 -27.91 7.97
CA HIS F 154 16.92 -26.64 8.64
C HIS F 154 17.42 -25.42 7.87
N ARG F 155 17.28 -25.43 6.56
CA ARG F 155 17.67 -24.29 5.75
C ARG F 155 16.77 -23.10 6.06
N GLU F 156 17.33 -21.89 6.00
CA GLU F 156 16.57 -20.67 6.23
C GLU F 156 16.57 -19.83 4.96
N LEU F 157 17.11 -20.41 3.89
CA LEU F 157 17.14 -19.80 2.57
C LEU F 157 16.89 -20.87 1.51
N PRO F 158 16.40 -20.46 0.34
CA PRO F 158 16.14 -21.40 -0.77
C PRO F 158 17.43 -21.84 -1.49
N LEU F 159 18.44 -22.24 -0.73
CA LEU F 159 19.70 -22.73 -1.27
C LEU F 159 19.82 -24.23 -1.06
N ARG F 160 20.23 -24.94 -2.11
CA ARG F 160 20.41 -26.38 -1.99
C ARG F 160 21.74 -26.79 -2.62
N ALA F 161 22.36 -27.83 -2.08
CA ALA F 161 23.60 -28.35 -2.66
C ALA F 161 23.29 -29.16 -3.92
N ASP F 162 24.15 -29.05 -4.93
CA ASP F 162 24.02 -29.85 -6.14
C ASP F 162 24.65 -31.23 -5.93
N TYR F 163 25.58 -31.30 -5.00
CA TYR F 163 26.19 -32.57 -4.62
C TYR F 163 26.09 -32.67 -3.12
N VAL F 164 25.53 -33.76 -2.63
CA VAL F 164 25.36 -33.95 -1.21
C VAL F 164 25.92 -35.31 -0.82
N GLY F 165 26.83 -35.32 0.16
CA GLY F 165 27.42 -36.55 0.61
C GLY F 165 26.38 -37.42 1.31
N LYS F 166 25.76 -36.84 2.33
CA LYS F 166 24.77 -37.54 3.14
C LYS F 166 23.77 -36.57 3.73
N ASN F 167 22.48 -36.91 3.65
CA ASN F 167 21.45 -36.14 4.32
C ASN F 167 21.25 -36.63 5.74
N VAL F 168 21.55 -35.78 6.71
CA VAL F 168 21.43 -36.17 8.09
C VAL F 168 20.29 -35.40 8.77
N PRO F 169 19.18 -36.10 9.04
CA PRO F 169 18.09 -35.49 9.79
C PRO F 169 18.58 -35.17 11.19
N THR F 170 18.33 -33.95 11.65
CA THR F 170 18.79 -33.58 12.99
C THR F 170 17.79 -32.67 13.68
N SER F 171 17.86 -32.64 15.00
CA SER F 171 17.14 -31.66 15.78
C SER F 171 18.00 -30.40 15.82
N ARG F 172 17.38 -29.25 16.06
CA ARG F 172 18.14 -28.00 16.14
C ARG F 172 19.13 -28.01 17.31
N SER F 173 18.88 -28.88 18.28
CA SER F 173 19.71 -28.96 19.48
C SER F 173 20.95 -29.83 19.27
N GLU F 174 20.98 -30.58 18.17
CA GLU F 174 22.12 -31.43 17.86
C GLU F 174 23.19 -30.67 17.06
N SER F 175 24.41 -31.21 17.08
CA SER F 175 25.50 -30.66 16.30
C SER F 175 26.11 -31.76 15.43
N VAL F 176 26.50 -31.38 14.22
CA VAL F 176 27.13 -32.32 13.32
C VAL F 176 28.60 -31.96 13.16
N HIS F 177 29.46 -32.97 13.35
CA HIS F 177 30.90 -32.75 13.32
C HIS F 177 31.56 -33.56 12.23
N VAL F 178 32.03 -32.87 11.19
CA VAL F 178 32.79 -33.52 10.11
C VAL F 178 34.28 -33.52 10.43
N ARG F 179 34.91 -34.67 10.23
CA ARG F 179 36.35 -34.81 10.41
C ARG F 179 37.01 -35.28 9.11
N LEU F 180 38.02 -34.55 8.63
CA LEU F 180 38.80 -34.97 7.47
C LEU F 180 40.26 -35.11 7.92
N ARG F 181 40.94 -36.14 7.43
CA ARG F 181 42.29 -36.49 7.93
C ARG F 181 43.28 -35.32 7.89
N GLU F 182 43.36 -34.60 6.77
CA GLU F 182 44.34 -33.52 6.64
C GLU F 182 44.07 -32.36 7.58
N HIS F 183 42.85 -32.32 8.12
CA HIS F 183 42.40 -31.21 8.92
C HIS F 183 42.33 -31.63 10.40
N ASP F 184 41.87 -32.85 10.65
CA ASP F 184 41.60 -33.29 12.00
C ASP F 184 42.29 -34.59 12.38
N GLY F 185 42.90 -35.26 11.40
CA GLY F 185 43.60 -36.52 11.64
C GLY F 185 42.86 -37.80 11.24
N ARG F 186 41.54 -37.72 11.11
CA ARG F 186 40.78 -38.87 10.66
C ARG F 186 39.57 -38.47 9.83
N ASP F 187 39.08 -39.38 9.01
CA ASP F 187 37.83 -39.19 8.31
C ASP F 187 36.68 -39.73 9.13
N GLY F 188 35.60 -38.96 9.21
CA GLY F 188 34.41 -39.41 9.90
C GLY F 188 33.41 -38.30 10.11
N VAL F 189 32.18 -38.69 10.44
CA VAL F 189 31.15 -37.73 10.78
C VAL F 189 30.47 -38.20 12.06
N VAL F 190 30.42 -37.34 13.06
CA VAL F 190 29.79 -37.68 14.33
C VAL F 190 28.69 -36.68 14.68
N ILE F 191 27.67 -37.15 15.37
CA ILE F 191 26.60 -36.27 15.83
C ILE F 191 26.53 -36.26 17.36
N SER F 192 26.24 -35.10 17.93
CA SER F 192 26.16 -34.98 19.37
C SER F 192 24.95 -34.15 19.80
N ARG F 193 24.56 -34.31 21.06
CA ARG F 193 23.44 -33.56 21.61
C ARG F 193 23.70 -33.21 23.07
#